data_7WOP
#
_entry.id   7WOP
#
_cell.length_a   1.00
_cell.length_b   1.00
_cell.length_c   1.00
_cell.angle_alpha   90.00
_cell.angle_beta   90.00
_cell.angle_gamma   90.00
#
_symmetry.space_group_name_H-M   'P 1'
#
loop_
_entity.id
_entity.type
_entity.pdbx_description
1 polymer 'Spike protein S1'
2 polymer 16L9
3 polymer GW01
#
loop_
_entity_poly.entity_id
_entity_poly.type
_entity_poly.pdbx_seq_one_letter_code
_entity_poly.pdbx_strand_id
1 'polypeptide(L)'
;NITNLCPFDEVFNATRFASVYAWNRKRISNCVADYSVLYNLAPFFTFKCYGVSPTKLNDLCFTNVYADSFVIRGDEVRQI
APGQTGNIADYNYKLPDDFTGCVIAWNSNKLDSKVSGNYNYLYRLFRKSNLKPFERDISTEIYQAGNKPCNGVAGFNCYF
PLRSYSFRPTYGVGHQPYRVVVLSFELLHAPATVCGPK
;
A
2 'polypeptide(L)'
;QSVLTQPPSASGSPGQSVTISCTGTSSDFGGYNSVSWYQQHPGKAPKLMIYEVSKRPSGVPDRFSGSKSGNTASLTVSGL
QAEDEADYYCSSYAGSNNFDVFGTGTKVTVLGGGGSGGGGSGGGGSEVQLVESGGGLIQPGGSLRLSCAASGFTVSSNYM
SWVRQAPGKGLEWVSVIYSGGSTYYADSVKGRFTISRDNSENTLYLQMNSLRAEDTAVYYCARGEIQPYYYYGMDVWGQG
TTVTVSS
;
B
3 'polypeptide(L)'
;QSVLTQPPSASGTPGQRVTISCSGSSSNIGSNTVNWYQQLPGTAPKLLIYSNNQRPSGVPDRFSGSKSGTSASLAISGLQ
SEDEADYYCAAWDDSLNWVFGGGTKLTVLGGGGSGGGGSGGGGSEVQLVESGGGVVQPGGSLRLSCAASGFRFDDHAMHW
VRQAPGKGLEWVSVISGDGGSTYYADSVKGRFSISRDDSKNSLYLQMNSLRTEDTALYYCAKDRSYGPPDVFNYEYGMDV
WGQGTTVTVSS
;
C
#
# COMPACT_ATOMS: atom_id res chain seq x y z
N ASN A 1 -39.65 19.40 14.58
CA ASN A 1 -39.87 18.22 13.74
C ASN A 1 -38.68 17.99 12.82
N ILE A 2 -38.41 16.73 12.50
CA ILE A 2 -37.29 16.36 11.64
C ILE A 2 -37.80 16.34 10.21
N THR A 3 -37.45 17.37 9.45
CA THR A 3 -37.85 17.49 8.05
C THR A 3 -36.69 18.08 7.26
N ASN A 4 -36.87 18.12 5.93
CA ASN A 4 -35.88 18.66 5.01
C ASN A 4 -34.53 17.95 5.16
N LEU A 5 -34.53 16.67 4.84
CA LEU A 5 -33.33 15.86 4.95
C LEU A 5 -32.29 16.29 3.92
N CYS A 6 -31.02 16.04 4.24
CA CYS A 6 -29.93 16.43 3.36
C CYS A 6 -29.95 15.59 2.09
N PRO A 7 -29.39 16.12 0.99
CA PRO A 7 -29.35 15.34 -0.25
C PRO A 7 -28.18 14.36 -0.30
N PHE A 8 -27.60 14.06 0.86
CA PHE A 8 -26.50 13.11 0.91
C PHE A 8 -26.87 11.76 0.28
N ASP A 9 -28.13 11.35 0.40
CA ASP A 9 -28.56 10.09 -0.18
C ASP A 9 -28.37 10.08 -1.70
N GLU A 10 -28.49 11.24 -2.33
CA GLU A 10 -28.27 11.35 -3.77
C GLU A 10 -26.78 11.40 -4.12
N VAL A 11 -25.91 11.65 -3.15
CA VAL A 11 -24.47 11.73 -3.41
C VAL A 11 -23.82 10.35 -3.34
N PHE A 12 -24.07 9.62 -2.26
CA PHE A 12 -23.43 8.33 -2.02
C PHE A 12 -24.01 7.21 -2.88
N ASN A 13 -24.85 7.52 -3.87
CA ASN A 13 -25.45 6.49 -4.72
C ASN A 13 -25.61 7.06 -6.12
N ALA A 14 -24.78 6.61 -7.05
CA ALA A 14 -24.84 7.02 -8.44
C ALA A 14 -24.17 5.96 -9.29
N THR A 15 -23.94 6.28 -10.56
CA THR A 15 -23.24 5.38 -11.48
C THR A 15 -21.86 5.91 -11.85
N ARG A 16 -21.77 7.14 -12.34
CA ARG A 16 -20.50 7.81 -12.61
C ARG A 16 -20.35 8.92 -11.58
N PHE A 17 -19.29 8.84 -10.77
CA PHE A 17 -19.15 9.75 -9.64
C PHE A 17 -18.35 11.00 -10.01
N ALA A 18 -17.08 10.82 -10.35
CA ALA A 18 -16.19 11.95 -10.65
C ALA A 18 -14.80 11.45 -11.08
N SER A 19 -13.92 12.39 -11.40
CA SER A 19 -12.51 12.12 -11.59
C SER A 19 -11.71 12.96 -10.62
N VAL A 20 -10.44 12.61 -10.44
CA VAL A 20 -9.62 13.30 -9.44
C VAL A 20 -9.16 14.68 -9.90
N TYR A 21 -9.09 14.93 -11.21
CA TYR A 21 -8.74 16.25 -11.70
C TYR A 21 -9.95 17.17 -11.81
N ALA A 22 -11.15 16.62 -11.81
CA ALA A 22 -12.40 17.41 -11.81
C ALA A 22 -13.33 16.74 -10.80
N TRP A 23 -13.24 17.17 -9.54
CA TRP A 23 -14.01 16.60 -8.46
C TRP A 23 -15.12 17.55 -8.03
N ASN A 24 -16.27 16.99 -7.68
CA ASN A 24 -17.40 17.79 -7.27
C ASN A 24 -17.11 18.52 -5.97
N ARG A 25 -17.81 19.63 -5.75
CA ARG A 25 -17.65 20.48 -4.58
C ARG A 25 -19.01 20.85 -4.02
N LYS A 26 -19.87 19.85 -3.84
CA LYS A 26 -21.26 20.10 -3.48
C LYS A 26 -21.35 20.80 -2.12
N ARG A 27 -21.95 21.99 -2.11
CA ARG A 27 -22.11 22.78 -0.89
C ARG A 27 -23.48 22.48 -0.31
N ILE A 28 -23.52 21.64 0.73
CA ILE A 28 -24.76 21.22 1.36
C ILE A 28 -25.00 22.09 2.59
N SER A 29 -26.21 22.61 2.72
CA SER A 29 -26.58 23.46 3.85
C SER A 29 -28.09 23.43 4.00
N ASN A 30 -28.55 24.00 5.13
CA ASN A 30 -29.98 24.11 5.44
C ASN A 30 -30.65 22.74 5.47
N CYS A 31 -30.17 21.88 6.38
CA CYS A 31 -30.75 20.57 6.60
C CYS A 31 -30.28 20.04 7.94
N VAL A 32 -30.93 18.99 8.41
CA VAL A 32 -30.58 18.33 9.65
C VAL A 32 -29.72 17.13 9.27
N ALA A 33 -28.40 17.31 9.30
CA ALA A 33 -27.46 16.29 8.88
C ALA A 33 -27.48 15.16 9.90
N ASP A 34 -28.12 14.05 9.55
CA ASP A 34 -28.20 12.87 10.42
C ASP A 34 -27.06 11.93 10.03
N TYR A 35 -25.89 12.15 10.64
CA TYR A 35 -24.72 11.33 10.33
C TYR A 35 -24.90 9.89 10.80
N SER A 36 -25.85 9.62 11.69
CA SER A 36 -26.11 8.24 12.10
C SER A 36 -26.63 7.41 10.93
N VAL A 37 -27.37 8.04 10.02
CA VAL A 37 -27.81 7.34 8.82
C VAL A 37 -26.63 7.10 7.88
N LEU A 38 -25.65 8.00 7.89
CA LEU A 38 -24.48 7.85 7.04
C LEU A 38 -23.65 6.63 7.46
N TYR A 39 -23.78 6.19 8.70
CA TYR A 39 -23.05 5.01 9.15
C TYR A 39 -23.61 3.74 8.51
N ASN A 40 -24.91 3.52 8.64
CA ASN A 40 -25.53 2.33 8.08
C ASN A 40 -25.91 2.54 6.62
N LEU A 41 -24.96 3.04 5.83
CA LEU A 41 -25.12 3.17 4.38
C LEU A 41 -24.52 1.93 3.72
N ALA A 42 -24.25 1.92 2.41
CA ALA A 42 -23.53 0.83 1.77
C ALA A 42 -22.26 0.49 2.55
N PRO A 43 -21.76 -0.74 2.42
CA PRO A 43 -20.67 -1.19 3.30
C PRO A 43 -19.37 -0.46 3.04
N PHE A 44 -19.25 0.75 3.59
CA PHE A 44 -18.02 1.52 3.47
C PHE A 44 -16.85 0.78 4.08
N PHE A 45 -15.65 1.11 3.62
CA PHE A 45 -14.42 0.50 4.10
C PHE A 45 -13.54 1.49 4.86
N THR A 46 -13.95 2.74 4.97
CA THR A 46 -13.14 3.75 5.67
C THR A 46 -14.07 4.86 6.14
N PHE A 47 -14.04 5.15 7.44
CA PHE A 47 -14.83 6.24 8.02
C PHE A 47 -13.98 6.99 9.04
N LYS A 48 -12.74 7.29 8.67
CA LYS A 48 -11.79 7.93 9.57
C LYS A 48 -12.06 9.42 9.59
N CYS A 49 -12.67 9.91 10.66
CA CYS A 49 -12.92 11.33 10.85
C CYS A 49 -11.81 11.91 11.71
N TYR A 50 -11.08 12.87 11.16
CA TYR A 50 -9.89 13.40 11.84
C TYR A 50 -10.22 14.48 12.85
N GLY A 51 -11.19 15.35 12.54
CA GLY A 51 -11.47 16.47 13.40
C GLY A 51 -12.14 16.12 14.71
N VAL A 52 -13.38 15.62 14.63
CA VAL A 52 -14.17 15.28 15.81
C VAL A 52 -14.70 13.85 15.65
N SER A 53 -15.46 13.41 16.65
CA SER A 53 -16.07 12.09 16.69
C SER A 53 -17.45 12.13 16.05
N PRO A 54 -17.83 11.06 15.34
CA PRO A 54 -19.17 11.03 14.72
C PRO A 54 -20.30 11.07 15.73
N THR A 55 -20.06 10.59 16.96
CA THR A 55 -21.10 10.65 17.98
C THR A 55 -21.35 12.10 18.41
N LYS A 56 -20.27 12.86 18.61
CA LYS A 56 -20.40 14.28 18.95
C LYS A 56 -20.65 15.15 17.74
N LEU A 57 -20.56 14.60 16.52
CA LEU A 57 -20.78 15.40 15.33
C LEU A 57 -22.25 15.76 15.16
N ASN A 58 -23.16 14.93 15.67
CA ASN A 58 -24.58 15.17 15.55
C ASN A 58 -25.09 16.24 16.51
N ASP A 59 -24.22 16.80 17.35
CA ASP A 59 -24.62 17.83 18.31
C ASP A 59 -23.86 19.14 18.10
N LEU A 60 -23.32 19.35 16.90
CA LEU A 60 -22.58 20.57 16.58
C LEU A 60 -23.12 21.16 15.30
N CYS A 61 -23.51 22.43 15.35
CA CYS A 61 -24.00 23.11 14.15
C CYS A 61 -22.83 23.47 13.23
N PHE A 62 -23.16 23.65 11.95
CA PHE A 62 -22.18 24.04 10.95
C PHE A 62 -22.82 24.99 9.95
N THR A 63 -21.96 25.70 9.22
CA THR A 63 -22.46 26.64 8.21
C THR A 63 -22.82 25.93 6.91
N ASN A 64 -21.85 25.24 6.31
CA ASN A 64 -22.05 24.52 5.07
C ASN A 64 -20.98 23.45 4.94
N VAL A 65 -21.38 22.27 4.50
CA VAL A 65 -20.46 21.15 4.35
C VAL A 65 -20.12 20.98 2.87
N TYR A 66 -18.82 20.91 2.57
CA TYR A 66 -18.33 20.73 1.21
C TYR A 66 -18.08 19.24 0.98
N ALA A 67 -18.92 18.62 0.16
CA ALA A 67 -18.74 17.22 -0.22
C ALA A 67 -17.90 17.17 -1.49
N ASP A 68 -16.77 16.47 -1.42
CA ASP A 68 -15.86 16.32 -2.55
C ASP A 68 -15.65 14.83 -2.80
N SER A 69 -16.05 14.37 -3.98
CA SER A 69 -16.00 12.96 -4.32
C SER A 69 -15.06 12.73 -5.49
N PHE A 70 -14.40 11.57 -5.49
CA PHE A 70 -13.51 11.17 -6.57
C PHE A 70 -13.31 9.66 -6.51
N VAL A 71 -12.52 9.14 -7.44
CA VAL A 71 -12.25 7.71 -7.54
C VAL A 71 -10.74 7.52 -7.68
N ILE A 72 -10.16 6.74 -6.75
CA ILE A 72 -8.73 6.44 -6.78
C ILE A 72 -8.56 4.94 -6.61
N ARG A 73 -7.31 4.48 -6.76
CA ARG A 73 -7.01 3.07 -6.59
C ARG A 73 -7.02 2.69 -5.12
N GLY A 74 -6.78 1.41 -4.85
CA GLY A 74 -6.77 0.95 -3.48
C GLY A 74 -5.52 1.39 -2.72
N ASP A 75 -4.37 1.34 -3.37
CA ASP A 75 -3.11 1.73 -2.75
C ASP A 75 -2.93 3.24 -2.69
N GLU A 76 -3.95 4.02 -3.06
CA GLU A 76 -3.87 5.47 -3.01
C GLU A 76 -4.74 6.10 -1.94
N VAL A 77 -5.63 5.32 -1.32
CA VAL A 77 -6.50 5.86 -0.27
C VAL A 77 -5.67 6.35 0.91
N ARG A 78 -4.48 5.78 1.11
CA ARG A 78 -3.60 6.25 2.17
C ARG A 78 -3.13 7.67 1.93
N GLN A 79 -3.07 8.10 0.66
CA GLN A 79 -2.60 9.44 0.35
C GLN A 79 -3.62 10.53 0.66
N ILE A 80 -4.88 10.16 0.86
CA ILE A 80 -5.92 11.13 1.22
C ILE A 80 -5.91 11.23 2.75
N ALA A 81 -5.07 12.12 3.25
CA ALA A 81 -4.87 12.28 4.69
C ALA A 81 -4.45 13.73 4.94
N PRO A 82 -4.63 14.22 6.18
CA PRO A 82 -4.21 15.59 6.48
C PRO A 82 -2.69 15.74 6.51
N GLY A 83 -2.08 15.76 5.32
CA GLY A 83 -0.65 15.90 5.20
C GLY A 83 0.05 14.62 4.80
N GLN A 84 0.32 14.47 3.50
CA GLN A 84 0.98 13.31 2.94
C GLN A 84 1.25 13.58 1.47
N THR A 85 2.33 12.99 0.96
CA THR A 85 2.73 13.16 -0.43
C THR A 85 2.36 11.93 -1.25
N GLY A 86 2.33 12.11 -2.56
CA GLY A 86 1.99 11.03 -3.46
C GLY A 86 1.59 11.55 -4.82
N ASN A 87 1.44 10.61 -5.76
CA ASN A 87 1.06 10.97 -7.12
C ASN A 87 -0.34 11.57 -7.17
N ILE A 88 -1.18 11.24 -6.20
CA ILE A 88 -2.53 11.80 -6.13
C ILE A 88 -2.68 12.80 -4.99
N ALA A 89 -1.76 12.81 -4.01
CA ALA A 89 -1.92 13.67 -2.85
C ALA A 89 -1.46 15.10 -3.13
N ASP A 90 -0.44 15.28 -3.96
CA ASP A 90 0.08 16.62 -4.25
C ASP A 90 -0.12 17.03 -5.71
N TYR A 91 -0.85 16.25 -6.49
CA TYR A 91 -1.13 16.58 -7.88
C TYR A 91 -2.61 16.65 -8.22
N ASN A 92 -3.48 16.06 -7.42
CA ASN A 92 -4.90 16.05 -7.74
C ASN A 92 -5.78 16.56 -6.60
N TYR A 93 -5.44 16.25 -5.36
CA TYR A 93 -6.27 16.66 -4.22
C TYR A 93 -5.42 16.60 -2.96
N LYS A 94 -5.30 17.72 -2.26
CA LYS A 94 -4.51 17.81 -1.05
C LYS A 94 -5.36 18.37 0.08
N LEU A 95 -5.25 17.75 1.25
CA LEU A 95 -5.98 18.17 2.44
C LEU A 95 -5.04 18.87 3.40
N PRO A 96 -5.43 20.02 3.96
CA PRO A 96 -4.56 20.70 4.92
C PRO A 96 -4.50 19.94 6.24
N ASP A 97 -3.64 20.44 7.14
CA ASP A 97 -3.56 19.87 8.48
C ASP A 97 -4.54 20.55 9.42
N ASP A 98 -5.79 20.64 8.98
CA ASP A 98 -6.87 21.13 9.84
C ASP A 98 -8.19 20.46 9.52
N PHE A 99 -8.21 19.37 8.77
CA PHE A 99 -9.44 18.74 8.29
C PHE A 99 -10.32 18.29 9.45
N THR A 100 -11.49 18.91 9.60
CA THR A 100 -12.42 18.57 10.66
C THR A 100 -13.50 17.59 10.22
N GLY A 101 -13.41 17.07 9.00
CA GLY A 101 -14.40 16.15 8.47
C GLY A 101 -13.95 14.71 8.51
N CYS A 102 -14.40 13.94 7.52
CA CYS A 102 -14.10 12.53 7.42
C CYS A 102 -13.54 12.21 6.04
N VAL A 103 -13.05 10.98 5.89
CA VAL A 103 -12.40 10.55 4.66
C VAL A 103 -13.16 9.34 4.10
N ILE A 104 -14.48 9.35 4.26
CA ILE A 104 -15.34 8.24 3.87
C ILE A 104 -14.96 7.72 2.49
N ALA A 105 -14.79 6.41 2.39
CA ALA A 105 -14.39 5.77 1.14
C ALA A 105 -14.88 4.34 1.13
N TRP A 106 -15.07 3.79 -0.07
CA TRP A 106 -15.54 2.42 -0.20
C TRP A 106 -15.18 1.87 -1.57
N ASN A 107 -14.94 0.57 -1.62
CA ASN A 107 -14.65 -0.10 -2.89
C ASN A 107 -15.88 -0.12 -3.78
N SER A 108 -15.67 0.12 -5.07
CA SER A 108 -16.74 0.15 -6.05
C SER A 108 -16.39 -0.70 -7.25
N ASN A 109 -15.84 -1.89 -7.02
CA ASN A 109 -15.48 -2.81 -8.10
C ASN A 109 -16.67 -3.68 -8.49
N LYS A 110 -17.82 -3.04 -8.73
CA LYS A 110 -19.01 -3.74 -9.18
C LYS A 110 -19.63 -3.03 -10.36
N LEU A 111 -19.41 -1.71 -10.45
CA LEU A 111 -20.00 -0.89 -11.50
C LEU A 111 -19.03 0.05 -12.18
N ASP A 112 -17.79 0.17 -11.70
CA ASP A 112 -16.78 1.03 -12.30
C ASP A 112 -15.67 0.21 -12.95
N SER A 113 -15.97 -1.01 -13.39
CA SER A 113 -14.96 -1.87 -14.01
C SER A 113 -15.70 -2.83 -14.94
N LYS A 114 -15.62 -2.55 -16.24
CA LYS A 114 -16.15 -3.43 -17.27
C LYS A 114 -15.01 -3.82 -18.22
N VAL A 115 -15.13 -5.01 -18.81
CA VAL A 115 -14.07 -5.51 -19.70
C VAL A 115 -14.41 -4.99 -21.10
N SER A 116 -14.09 -3.72 -21.33
CA SER A 116 -14.13 -3.14 -22.66
C SER A 116 -13.05 -2.11 -22.90
N GLY A 117 -12.18 -1.84 -21.93
CA GLY A 117 -11.23 -0.75 -22.02
C GLY A 117 -11.74 0.45 -21.24
N ASN A 118 -11.18 0.68 -20.05
CA ASN A 118 -11.68 1.72 -19.16
C ASN A 118 -10.79 2.96 -19.26
N TYR A 119 -10.89 3.62 -20.43
CA TYR A 119 -10.17 4.86 -20.67
C TYR A 119 -11.11 6.04 -20.41
N ASN A 120 -11.54 6.14 -19.15
CA ASN A 120 -12.49 7.16 -18.73
C ASN A 120 -11.91 8.15 -17.73
N TYR A 121 -11.12 7.69 -16.77
CA TYR A 121 -10.57 8.54 -15.73
C TYR A 121 -9.15 8.99 -16.12
N LEU A 122 -8.51 9.70 -15.19
CA LEU A 122 -7.13 10.16 -15.33
C LEU A 122 -6.70 10.70 -13.98
N TYR A 123 -5.37 10.87 -13.82
CA TYR A 123 -4.86 11.34 -12.54
C TYR A 123 -3.76 12.38 -12.63
N ARG A 124 -3.50 12.95 -13.81
CA ARG A 124 -2.57 14.08 -13.98
C ARG A 124 -1.18 13.71 -13.45
N LEU A 125 -0.55 12.77 -14.15
CA LEU A 125 0.77 12.30 -13.75
C LEU A 125 1.81 13.41 -13.80
N PHE A 126 1.61 14.40 -14.67
CA PHE A 126 2.57 15.48 -14.85
C PHE A 126 2.03 16.78 -14.26
N ARG A 127 2.93 17.59 -13.71
CA ARG A 127 2.56 18.87 -13.11
C ARG A 127 3.82 19.71 -12.95
N LYS A 128 3.62 20.97 -12.61
CA LYS A 128 4.74 21.90 -12.39
C LYS A 128 5.06 22.10 -10.91
N SER A 129 4.07 22.07 -10.04
CA SER A 129 4.29 22.25 -8.61
C SER A 129 3.12 21.63 -7.86
N ASN A 130 3.28 21.51 -6.55
CA ASN A 130 2.24 20.94 -5.71
C ASN A 130 1.01 21.85 -5.68
N LEU A 131 -0.16 21.23 -5.73
CA LEU A 131 -1.40 21.99 -5.73
C LEU A 131 -1.66 22.59 -4.35
N LYS A 132 -2.30 23.76 -4.35
CA LYS A 132 -2.69 24.41 -3.11
C LYS A 132 -3.70 23.52 -2.38
N PRO A 133 -3.68 23.52 -1.04
CA PRO A 133 -4.71 22.80 -0.28
C PRO A 133 -6.12 23.13 -0.76
N PHE A 134 -6.87 22.09 -1.14
CA PHE A 134 -8.21 22.23 -1.71
C PHE A 134 -8.19 23.10 -2.96
N GLU A 135 -7.47 22.62 -3.97
CA GLU A 135 -7.38 23.27 -5.27
C GLU A 135 -7.68 22.25 -6.37
N ARG A 136 -8.31 22.72 -7.43
CA ARG A 136 -8.68 21.88 -8.57
C ARG A 136 -8.14 22.50 -9.83
N ASP A 137 -7.43 21.70 -10.63
CA ASP A 137 -6.79 22.15 -11.85
C ASP A 137 -7.46 21.46 -13.04
N ILE A 138 -8.53 22.07 -13.55
CA ILE A 138 -9.25 21.54 -14.70
C ILE A 138 -8.62 22.17 -15.93
N SER A 139 -7.55 21.55 -16.42
CA SER A 139 -6.83 22.04 -17.58
C SER A 139 -6.49 20.87 -18.50
N THR A 140 -6.24 21.19 -19.76
CA THR A 140 -5.88 20.18 -20.75
C THR A 140 -4.74 20.62 -21.66
N GLU A 141 -4.05 21.70 -21.33
CA GLU A 141 -2.92 22.15 -22.16
C GLU A 141 -1.78 21.15 -22.07
N ILE A 142 -1.08 20.98 -23.20
CA ILE A 142 0.02 20.03 -23.26
C ILE A 142 1.14 20.48 -22.34
N TYR A 143 1.60 19.58 -21.48
CA TYR A 143 2.66 19.90 -20.53
C TYR A 143 3.96 20.20 -21.27
N GLN A 144 4.57 21.33 -20.94
CA GLN A 144 5.82 21.76 -21.57
C GLN A 144 6.97 21.48 -20.61
N ALA A 145 7.92 20.66 -21.06
CA ALA A 145 9.09 20.33 -20.24
C ALA A 145 10.22 21.32 -20.47
N GLY A 146 9.88 22.61 -20.40
CA GLY A 146 10.83 23.71 -20.47
C GLY A 146 11.67 23.76 -21.75
N ASN A 147 12.50 24.80 -21.78
CA ASN A 147 13.57 25.01 -22.77
C ASN A 147 13.11 24.89 -24.21
N LYS A 148 11.79 24.92 -24.44
CA LYS A 148 11.25 24.84 -25.79
C LYS A 148 9.77 25.23 -25.79
N PRO A 149 9.35 26.12 -26.69
CA PRO A 149 7.93 26.46 -26.77
C PRO A 149 7.12 25.32 -27.37
N CYS A 150 5.84 25.20 -26.97
CA CYS A 150 4.98 24.14 -27.48
C CYS A 150 3.60 24.76 -27.74
N ASN A 151 3.30 25.00 -29.02
CA ASN A 151 1.98 25.46 -29.43
C ASN A 151 1.04 24.27 -29.58
N GLY A 152 1.46 23.12 -29.06
CA GLY A 152 0.68 21.90 -29.12
C GLY A 152 1.33 20.86 -30.01
N VAL A 153 2.07 19.94 -29.39
CA VAL A 153 2.76 18.86 -30.09
C VAL A 153 3.02 17.78 -29.07
N ALA A 154 3.23 16.55 -29.55
CA ALA A 154 3.53 15.41 -28.67
C ALA A 154 4.74 14.66 -29.22
N GLY A 155 5.94 15.14 -28.88
CA GLY A 155 7.14 14.34 -29.06
C GLY A 155 8.40 14.92 -28.48
N PHE A 156 9.06 14.14 -27.62
CA PHE A 156 10.43 14.37 -27.16
C PHE A 156 10.59 15.64 -26.33
N ASN A 157 9.57 16.49 -26.29
CA ASN A 157 9.63 17.71 -25.47
C ASN A 157 8.35 18.03 -24.73
N CYS A 158 7.18 17.57 -25.19
CA CYS A 158 5.91 17.96 -24.59
C CYS A 158 4.95 16.78 -24.70
N TYR A 159 4.37 16.40 -23.57
CA TYR A 159 3.55 15.20 -23.49
C TYR A 159 2.20 15.53 -22.86
N PHE A 160 1.27 14.59 -22.99
CA PHE A 160 -0.04 14.71 -22.37
C PHE A 160 0.10 14.66 -20.86
N PRO A 161 -0.22 15.74 -20.13
CA PRO A 161 -0.05 15.72 -18.68
C PRO A 161 -1.03 14.82 -17.94
N LEU A 162 -1.88 14.08 -18.63
CA LEU A 162 -2.86 13.20 -18.01
C LEU A 162 -2.64 11.77 -18.48
N ARG A 163 -3.02 10.82 -17.62
CA ARG A 163 -2.89 9.40 -17.93
C ARG A 163 -4.06 8.65 -17.31
N SER A 164 -4.71 7.82 -18.11
CA SER A 164 -5.90 7.11 -17.68
C SER A 164 -5.55 5.89 -16.83
N TYR A 165 -6.50 5.45 -16.02
CA TYR A 165 -6.34 4.27 -15.20
C TYR A 165 -6.51 3.01 -16.05
N SER A 166 -6.37 1.86 -15.40
CA SER A 166 -6.52 0.55 -16.05
C SER A 166 -7.38 -0.37 -15.18
N PHE A 167 -8.50 0.16 -14.70
CA PHE A 167 -9.40 -0.61 -13.84
C PHE A 167 -10.00 -1.76 -14.61
N ARG A 168 -9.77 -2.99 -14.14
CA ARG A 168 -10.32 -4.18 -14.74
C ARG A 168 -10.92 -5.07 -13.66
N PRO A 169 -12.01 -5.78 -13.98
CA PRO A 169 -12.65 -6.63 -12.95
C PRO A 169 -11.78 -7.78 -12.50
N THR A 170 -11.04 -8.41 -13.41
CA THR A 170 -10.22 -9.56 -13.06
C THR A 170 -8.88 -9.13 -12.49
N TYR A 171 -8.91 -8.26 -11.48
CA TYR A 171 -7.72 -7.79 -10.79
C TYR A 171 -7.87 -8.09 -9.29
N GLY A 172 -6.90 -7.62 -8.51
CA GLY A 172 -6.95 -7.76 -7.07
C GLY A 172 -7.18 -6.45 -6.37
N VAL A 173 -7.55 -6.51 -5.08
CA VAL A 173 -7.76 -5.28 -4.32
C VAL A 173 -6.47 -4.50 -4.22
N GLY A 174 -6.56 -3.18 -4.36
CA GLY A 174 -5.39 -2.34 -4.45
C GLY A 174 -5.32 -1.68 -5.81
N HIS A 175 -5.75 -2.41 -6.84
CA HIS A 175 -5.84 -1.89 -8.20
C HIS A 175 -7.31 -1.82 -8.65
N GLN A 176 -8.22 -1.73 -7.71
CA GLN A 176 -9.65 -1.68 -7.97
C GLN A 176 -10.18 -0.26 -7.75
N PRO A 177 -11.31 0.08 -8.39
CA PRO A 177 -11.88 1.43 -8.20
C PRO A 177 -12.41 1.61 -6.79
N TYR A 178 -11.91 2.64 -6.11
CA TYR A 178 -12.34 3.00 -4.76
C TYR A 178 -12.88 4.42 -4.80
N ARG A 179 -14.16 4.59 -4.46
CA ARG A 179 -14.79 5.89 -4.43
C ARG A 179 -14.56 6.52 -3.06
N VAL A 180 -13.93 7.69 -3.04
CA VAL A 180 -13.59 8.40 -1.82
C VAL A 180 -14.33 9.73 -1.81
N VAL A 181 -15.05 9.99 -0.72
CA VAL A 181 -15.80 11.24 -0.56
C VAL A 181 -15.43 11.85 0.78
N VAL A 182 -14.91 13.08 0.73
CA VAL A 182 -14.55 13.81 1.94
C VAL A 182 -15.59 14.90 2.18
N LEU A 183 -15.76 15.25 3.45
CA LEU A 183 -16.76 16.22 3.89
C LEU A 183 -16.05 17.31 4.69
N SER A 184 -15.65 18.38 3.99
CA SER A 184 -14.99 19.51 4.64
C SER A 184 -16.01 20.34 5.41
N PHE A 185 -15.69 20.66 6.65
CA PHE A 185 -16.54 21.47 7.50
C PHE A 185 -15.91 22.85 7.71
N GLU A 186 -16.77 23.85 7.89
CA GLU A 186 -16.30 25.22 8.07
C GLU A 186 -17.32 26.00 8.90
N LEU A 187 -16.84 27.09 9.52
CA LEU A 187 -17.69 27.94 10.33
C LEU A 187 -17.17 29.37 10.18
N LEU A 188 -17.77 30.13 9.26
CA LEU A 188 -17.42 31.52 9.06
C LEU A 188 -18.34 32.39 9.91
N HIS A 189 -18.31 33.71 9.68
CA HIS A 189 -19.15 34.66 10.40
C HIS A 189 -20.55 34.72 9.76
N ALA A 190 -21.16 33.55 9.66
CA ALA A 190 -22.49 33.40 9.07
C ALA A 190 -23.32 32.49 9.97
N PRO A 191 -24.64 32.66 9.98
CA PRO A 191 -25.49 31.79 10.80
C PRO A 191 -25.37 30.34 10.37
N ALA A 192 -25.20 29.46 11.34
CA ALA A 192 -25.06 28.04 11.06
C ALA A 192 -26.41 27.43 10.70
N THR A 193 -26.45 26.72 9.57
CA THR A 193 -27.69 26.11 9.08
C THR A 193 -27.76 24.62 9.42
N VAL A 194 -26.76 23.85 9.02
CA VAL A 194 -26.75 22.41 9.26
C VAL A 194 -26.32 22.16 10.70
N CYS A 195 -27.24 21.64 11.52
CA CYS A 195 -26.97 21.30 12.90
C CYS A 195 -27.07 19.81 13.18
N GLY A 196 -28.20 19.18 12.83
CA GLY A 196 -28.41 17.79 13.09
C GLY A 196 -29.71 17.53 13.81
N PRO A 197 -30.11 16.26 13.90
CA PRO A 197 -31.37 15.92 14.58
C PRO A 197 -31.29 16.24 16.06
N LYS A 198 -32.34 16.88 16.57
CA LYS A 198 -32.41 17.23 17.98
C LYS A 198 -33.48 16.43 18.69
N VAL B 3 11.34 -8.11 -4.42
CA VAL B 3 12.18 -9.25 -4.80
C VAL B 3 11.46 -10.11 -5.83
N LEU B 4 12.05 -10.23 -7.00
CA LEU B 4 11.51 -11.02 -8.09
C LEU B 4 12.37 -12.25 -8.34
N THR B 5 11.88 -13.12 -9.21
CA THR B 5 12.56 -14.38 -9.54
C THR B 5 12.93 -14.37 -11.02
N GLN B 6 14.22 -14.52 -11.30
CA GLN B 6 14.74 -14.55 -12.66
C GLN B 6 15.78 -15.65 -12.76
N PRO B 7 15.90 -16.31 -13.91
CA PRO B 7 16.91 -17.35 -14.07
C PRO B 7 18.31 -16.76 -14.02
N PRO B 8 19.21 -17.37 -13.24
CA PRO B 8 20.59 -16.85 -13.16
C PRO B 8 21.23 -16.66 -14.52
N SER B 9 21.10 -17.62 -15.42
CA SER B 9 21.73 -17.56 -16.74
C SER B 9 20.81 -18.20 -17.76
N ALA B 10 21.12 -17.97 -19.04
CA ALA B 10 20.35 -18.55 -20.14
C ALA B 10 21.28 -18.64 -21.34
N SER B 11 21.80 -19.84 -21.60
CA SER B 11 22.72 -20.05 -22.72
C SER B 11 22.39 -21.26 -23.59
N GLY B 12 21.62 -22.23 -23.09
CA GLY B 12 21.27 -23.37 -23.90
C GLY B 12 20.36 -22.98 -25.05
N SER B 13 20.61 -23.58 -26.22
CA SER B 13 19.88 -23.29 -27.46
C SER B 13 19.90 -21.79 -27.73
N PRO B 14 21.04 -21.23 -28.13
CA PRO B 14 21.15 -19.77 -28.29
C PRO B 14 20.25 -19.26 -29.41
N GLY B 15 19.40 -18.29 -29.07
CA GLY B 15 18.57 -17.64 -30.06
C GLY B 15 17.47 -18.48 -30.65
N GLN B 16 17.16 -19.62 -30.04
CA GLN B 16 16.08 -20.48 -30.52
C GLN B 16 15.01 -20.75 -29.49
N SER B 17 15.38 -20.99 -28.23
CA SER B 17 14.40 -21.23 -27.18
C SER B 17 14.82 -20.59 -25.86
N VAL B 18 15.53 -19.46 -25.93
CA VAL B 18 15.98 -18.79 -24.70
C VAL B 18 14.79 -18.19 -23.98
N THR B 19 14.12 -17.23 -24.62
CA THR B 19 12.86 -16.62 -24.16
C THR B 19 12.82 -16.43 -22.64
N ILE B 20 13.80 -15.66 -22.14
CA ILE B 20 13.87 -15.41 -20.71
C ILE B 20 12.60 -14.70 -20.22
N SER B 21 12.28 -14.91 -18.95
CA SER B 21 11.08 -14.33 -18.36
C SER B 21 11.28 -14.20 -16.86
N CYS B 22 10.69 -13.15 -16.30
CA CYS B 22 10.75 -12.89 -14.86
C CYS B 22 9.48 -13.41 -14.20
N THR B 23 9.48 -14.72 -13.96
CA THR B 23 8.32 -15.39 -13.36
C THR B 23 8.16 -14.99 -11.90
N GLY B 24 6.92 -14.75 -11.49
CA GLY B 24 6.63 -14.43 -10.10
C GLY B 24 6.40 -12.95 -9.86
N THR B 25 5.13 -12.56 -9.78
CA THR B 25 4.77 -11.17 -9.50
C THR B 25 3.60 -11.12 -8.52
N SER B 26 3.18 -12.28 -8.02
CA SER B 26 2.08 -12.41 -7.06
C SER B 26 0.76 -11.87 -7.62
N SER B 27 0.69 -11.66 -8.93
CA SER B 27 -0.48 -11.09 -9.57
C SER B 27 -0.40 -11.28 -11.09
N ASP B 28 -1.27 -10.61 -11.82
CA ASP B 28 -1.23 -10.64 -13.29
C ASP B 28 -0.17 -9.69 -13.83
N PHE B 29 1.06 -9.83 -13.32
CA PHE B 29 2.21 -9.02 -13.70
C PHE B 29 1.92 -7.53 -13.54
N GLY B 30 1.69 -7.16 -12.28
CA GLY B 30 1.47 -5.77 -11.92
C GLY B 30 0.10 -5.26 -12.32
N GLY B 31 -0.15 -4.01 -11.94
CA GLY B 31 -1.42 -3.36 -12.24
C GLY B 31 -1.33 -2.40 -13.41
N TYR B 32 -0.23 -1.67 -13.51
CA TYR B 32 -0.04 -0.72 -14.59
C TYR B 32 0.31 -1.44 -15.89
N ASN B 33 0.55 -2.74 -15.80
CA ASN B 33 0.89 -3.58 -16.96
C ASN B 33 2.13 -3.08 -17.68
N SER B 34 3.13 -2.63 -16.92
CA SER B 34 4.39 -2.14 -17.48
C SER B 34 5.51 -3.03 -16.98
N VAL B 35 6.12 -3.78 -17.89
CA VAL B 35 7.24 -4.68 -17.57
C VAL B 35 8.47 -4.14 -18.29
N SER B 36 9.48 -3.75 -17.53
CA SER B 36 10.68 -3.16 -18.08
C SER B 36 11.70 -4.23 -18.45
N TRP B 37 12.49 -3.94 -19.48
CA TRP B 37 13.59 -4.80 -19.91
C TRP B 37 14.74 -3.91 -20.33
N TYR B 38 15.83 -3.97 -19.57
CA TYR B 38 17.02 -3.16 -19.84
C TYR B 38 18.19 -4.07 -20.20
N GLN B 39 18.82 -3.79 -21.34
CA GLN B 39 19.98 -4.56 -21.79
C GLN B 39 21.22 -3.97 -21.12
N GLN B 40 21.45 -4.40 -19.88
CA GLN B 40 22.57 -3.91 -19.07
C GLN B 40 23.83 -4.62 -19.53
N HIS B 41 24.45 -4.09 -20.58
CA HIS B 41 25.71 -4.62 -21.05
C HIS B 41 26.84 -4.18 -20.11
N PRO B 42 27.80 -5.05 -19.84
CA PRO B 42 28.92 -4.67 -18.97
C PRO B 42 29.66 -3.47 -19.54
N GLY B 43 29.96 -2.50 -18.67
CA GLY B 43 30.54 -1.26 -19.11
C GLY B 43 29.55 -0.12 -19.13
N LYS B 44 29.04 0.20 -20.33
CA LYS B 44 28.12 1.32 -20.49
C LYS B 44 26.83 1.09 -19.69
N ALA B 45 26.05 2.17 -19.55
CA ALA B 45 24.82 2.14 -18.80
C ALA B 45 23.77 1.27 -19.50
N PRO B 46 22.74 0.82 -18.77
CA PRO B 46 21.69 0.02 -19.41
C PRO B 46 20.97 0.80 -20.50
N LYS B 47 20.36 0.05 -21.41
CA LYS B 47 19.61 0.61 -22.53
C LYS B 47 18.19 0.05 -22.52
N LEU B 48 17.22 0.93 -22.75
CA LEU B 48 15.82 0.51 -22.77
C LEU B 48 15.54 -0.40 -23.96
N MET B 49 14.90 -1.53 -23.67
CA MET B 49 14.49 -2.49 -24.70
C MET B 49 12.99 -2.69 -24.76
N ILE B 50 12.34 -2.92 -23.62
CA ILE B 50 10.90 -3.17 -23.58
C ILE B 50 10.36 -2.50 -22.32
N TYR B 51 9.30 -1.70 -22.47
CA TYR B 51 8.70 -1.00 -21.35
C TYR B 51 7.29 -1.50 -21.08
N GLU B 52 6.45 -1.53 -22.11
CA GLU B 52 5.12 -2.15 -22.03
C GLU B 52 5.26 -3.65 -22.23
N VAL B 53 4.16 -4.32 -22.55
CA VAL B 53 4.20 -5.78 -22.75
C VAL B 53 5.30 -6.14 -23.74
N SER B 54 5.19 -5.70 -24.99
CA SER B 54 6.33 -5.78 -25.89
C SER B 54 6.79 -4.40 -26.33
N LYS B 55 5.92 -3.68 -27.05
CA LYS B 55 6.08 -2.28 -27.43
C LYS B 55 7.53 -1.87 -27.68
N ARG B 56 8.20 -2.53 -28.62
CA ARG B 56 9.60 -2.25 -28.85
C ARG B 56 9.78 -0.84 -29.41
N PRO B 57 10.58 0.01 -28.78
CA PRO B 57 10.81 1.36 -29.30
C PRO B 57 11.74 1.36 -30.51
N SER B 58 12.13 2.55 -30.95
CA SER B 58 13.01 2.69 -32.11
C SER B 58 14.36 2.08 -31.79
N GLY B 59 14.64 0.92 -32.37
CA GLY B 59 15.88 0.21 -32.14
C GLY B 59 15.94 -1.12 -32.87
N VAL B 60 16.45 -2.15 -32.22
CA VAL B 60 16.51 -3.47 -32.84
C VAL B 60 15.13 -4.12 -32.82
N PRO B 61 14.60 -4.58 -33.95
CA PRO B 61 13.25 -5.14 -33.98
C PRO B 61 13.16 -6.66 -33.84
N ASP B 62 14.30 -7.34 -33.64
CA ASP B 62 14.31 -8.80 -33.55
C ASP B 62 14.13 -9.31 -32.13
N ARG B 63 13.65 -8.46 -31.21
CA ARG B 63 13.40 -8.86 -29.83
C ARG B 63 12.08 -8.21 -29.41
N PHE B 64 10.99 -8.97 -29.50
CA PHE B 64 9.66 -8.44 -29.23
C PHE B 64 8.81 -9.58 -28.68
N SER B 65 7.49 -9.37 -28.67
CA SER B 65 6.52 -10.37 -28.22
C SER B 65 6.76 -10.75 -26.77
N GLY B 66 6.74 -9.74 -25.90
CA GLY B 66 6.87 -9.95 -24.48
C GLY B 66 5.52 -10.10 -23.79
N SER B 67 4.70 -11.01 -24.29
CA SER B 67 3.35 -11.18 -23.75
C SER B 67 3.42 -11.75 -22.33
N LYS B 68 2.41 -11.40 -21.54
CA LYS B 68 2.31 -11.87 -20.15
C LYS B 68 1.61 -13.22 -20.14
N SER B 69 2.40 -14.26 -20.42
CA SER B 69 1.87 -15.63 -20.44
C SER B 69 1.55 -16.07 -19.01
N GLY B 70 0.26 -16.09 -18.68
CA GLY B 70 -0.16 -16.46 -17.34
C GLY B 70 0.25 -15.44 -16.30
N ASN B 71 1.20 -15.81 -15.44
CA ASN B 71 1.72 -14.93 -14.41
C ASN B 71 3.16 -14.50 -14.68
N THR B 72 3.63 -14.66 -15.92
CA THR B 72 4.98 -14.27 -16.28
C THR B 72 4.98 -13.69 -17.68
N ALA B 73 5.92 -12.78 -17.92
CA ALA B 73 6.07 -12.12 -19.22
C ALA B 73 7.22 -12.78 -19.97
N SER B 74 6.88 -13.66 -20.91
CA SER B 74 7.88 -14.40 -21.69
C SER B 74 8.32 -13.52 -22.85
N LEU B 75 9.43 -12.80 -22.66
CA LEU B 75 9.99 -11.95 -23.71
C LEU B 75 10.63 -12.83 -24.77
N THR B 76 10.01 -12.91 -25.94
CA THR B 76 10.53 -13.74 -27.03
C THR B 76 11.82 -13.12 -27.56
N VAL B 77 12.96 -13.74 -27.24
CA VAL B 77 14.27 -13.28 -27.69
C VAL B 77 14.84 -14.18 -28.77
N SER B 78 14.14 -15.24 -29.16
CA SER B 78 14.62 -16.14 -30.19
C SER B 78 14.73 -15.42 -31.53
N GLY B 79 15.69 -15.87 -32.35
CA GLY B 79 15.89 -15.27 -33.65
C GLY B 79 16.49 -13.88 -33.63
N LEU B 80 17.07 -13.47 -32.50
CA LEU B 80 17.66 -12.14 -32.40
C LEU B 80 19.06 -12.12 -33.02
N GLN B 81 20.00 -12.85 -32.39
CA GLN B 81 21.36 -12.96 -32.87
C GLN B 81 22.13 -13.98 -32.02
N ALA B 82 23.39 -14.24 -32.38
CA ALA B 82 24.22 -15.22 -31.69
C ALA B 82 25.58 -14.64 -31.33
N GLU B 83 25.61 -13.35 -31.01
CA GLU B 83 26.86 -12.69 -30.59
C GLU B 83 26.47 -11.59 -29.59
N ASP B 84 26.52 -11.93 -28.31
CA ASP B 84 26.12 -11.01 -27.27
C ASP B 84 26.68 -11.48 -25.93
N GLU B 85 27.19 -10.52 -25.15
CA GLU B 85 27.71 -10.79 -23.80
C GLU B 85 27.20 -9.67 -22.90
N ALA B 86 26.05 -9.88 -22.28
CA ALA B 86 25.43 -8.88 -21.44
C ALA B 86 24.54 -9.56 -20.41
N ASP B 87 23.96 -8.75 -19.53
CA ASP B 87 23.06 -9.22 -18.49
C ASP B 87 21.78 -8.41 -18.54
N TYR B 88 20.66 -9.06 -18.83
CA TYR B 88 19.39 -8.38 -18.95
C TYR B 88 18.71 -8.26 -17.58
N TYR B 89 17.81 -7.29 -17.46
CA TYR B 89 17.11 -7.04 -16.21
C TYR B 89 15.63 -6.84 -16.50
N CYS B 90 14.82 -7.07 -15.46
CA CYS B 90 13.36 -6.96 -15.56
C CYS B 90 12.83 -6.40 -14.25
N SER B 91 12.02 -5.36 -14.34
CA SER B 91 11.37 -4.74 -13.18
C SER B 91 9.93 -4.44 -13.53
N SER B 92 9.00 -5.01 -12.77
CA SER B 92 7.57 -4.83 -13.03
C SER B 92 6.85 -4.81 -11.69
N TYR B 93 6.23 -3.67 -11.37
CA TYR B 93 5.51 -3.48 -10.11
C TYR B 93 4.69 -2.21 -10.23
N ALA B 94 3.79 -1.99 -9.28
CA ALA B 94 2.99 -0.77 -9.25
C ALA B 94 2.80 -0.29 -7.82
N GLY B 95 3.46 -0.96 -6.88
CA GLY B 95 3.30 -0.67 -5.47
C GLY B 95 3.71 0.74 -5.07
N SER B 96 2.89 1.38 -4.25
CA SER B 96 3.16 2.74 -3.81
C SER B 96 4.37 2.78 -2.88
N ASN B 97 5.46 3.42 -3.33
CA ASN B 97 6.70 3.53 -2.56
C ASN B 97 7.23 2.15 -2.16
N ASN B 98 7.51 1.34 -3.19
CA ASN B 98 8.09 0.02 -3.02
C ASN B 98 9.30 -0.07 -3.96
N PHE B 99 10.49 -0.02 -3.39
CA PHE B 99 11.72 -0.02 -4.17
C PHE B 99 12.21 -1.46 -4.37
N ASP B 100 13.45 -1.61 -4.84
CA ASP B 100 14.03 -2.92 -5.14
C ASP B 100 13.17 -3.68 -6.13
N VAL B 101 12.65 -2.98 -7.14
CA VAL B 101 11.77 -3.59 -8.14
C VAL B 101 12.53 -4.34 -9.22
N PHE B 102 13.83 -4.11 -9.36
CA PHE B 102 14.60 -4.78 -10.39
C PHE B 102 14.80 -6.26 -10.04
N GLY B 103 15.19 -7.03 -11.05
CA GLY B 103 15.40 -8.45 -10.91
C GLY B 103 16.86 -8.82 -10.78
N THR B 104 17.08 -10.11 -10.55
CA THR B 104 18.43 -10.64 -10.40
C THR B 104 19.15 -10.64 -11.74
N GLY B 105 20.47 -10.76 -11.68
CA GLY B 105 21.30 -10.78 -12.86
C GLY B 105 21.04 -11.98 -13.75
N THR B 106 20.44 -11.75 -14.92
CA THR B 106 20.11 -12.80 -15.87
C THR B 106 21.14 -12.80 -16.99
N LYS B 107 21.98 -13.83 -17.03
CA LYS B 107 23.02 -13.95 -18.04
C LYS B 107 22.39 -14.54 -19.30
N VAL B 108 22.07 -13.68 -20.26
CA VAL B 108 21.39 -14.10 -21.49
C VAL B 108 22.41 -14.17 -22.62
N THR B 109 23.67 -14.38 -22.27
CA THR B 109 24.72 -14.50 -23.28
C THR B 109 24.44 -15.68 -24.20
N VAL B 110 24.15 -15.39 -25.47
CA VAL B 110 23.88 -16.45 -26.44
C VAL B 110 25.18 -17.14 -26.85
N LEU B 111 26.24 -16.37 -27.03
CA LEU B 111 27.55 -16.92 -27.38
C LEU B 111 28.54 -16.84 -26.22
N GLY B 112 28.62 -15.69 -25.56
CA GLY B 112 29.53 -15.52 -24.44
C GLY B 112 30.89 -14.99 -24.85
N GLY B 113 31.61 -15.75 -25.68
CA GLY B 113 32.92 -15.34 -26.14
C GLY B 113 32.87 -14.17 -27.11
N GLY B 114 32.20 -14.35 -28.24
CA GLY B 114 32.08 -13.31 -29.24
C GLY B 114 30.67 -12.80 -29.41
N GLY B 124 23.13 7.94 -26.95
CA GLY B 124 22.98 8.50 -25.62
C GLY B 124 23.95 9.64 -25.35
N GLY B 125 24.99 9.73 -26.17
CA GLY B 125 26.00 10.75 -25.99
C GLY B 125 25.53 12.15 -26.36
N SER B 126 25.05 12.30 -27.59
CA SER B 126 24.59 13.60 -28.08
C SER B 126 23.09 13.79 -27.95
N GLU B 127 22.37 12.83 -27.36
CA GLU B 127 20.93 12.94 -27.20
C GLU B 127 20.56 14.13 -26.33
N VAL B 128 20.93 14.08 -25.05
CA VAL B 128 20.70 15.21 -24.15
C VAL B 128 22.01 15.66 -23.51
N GLN B 129 22.60 14.79 -22.70
CA GLN B 129 23.87 15.03 -22.01
C GLN B 129 24.21 13.79 -21.18
N LEU B 130 25.45 13.72 -20.72
CA LEU B 130 25.87 12.69 -19.78
C LEU B 130 27.09 13.18 -19.02
N VAL B 131 26.91 13.55 -17.75
CA VAL B 131 28.00 13.97 -16.88
C VAL B 131 27.73 13.43 -15.48
N GLU B 132 28.81 13.26 -14.71
CA GLU B 132 28.71 12.79 -13.33
C GLU B 132 29.80 13.50 -12.51
N SER B 133 30.01 13.00 -11.29
CA SER B 133 30.96 13.61 -10.37
C SER B 133 32.34 12.96 -10.41
N GLY B 134 32.42 11.66 -10.69
CA GLY B 134 33.70 10.98 -10.69
C GLY B 134 34.28 10.83 -9.29
N GLY B 135 33.61 10.05 -8.46
CA GLY B 135 34.04 9.88 -7.07
C GLY B 135 35.23 8.96 -6.91
N GLY B 136 36.39 9.38 -7.43
CA GLY B 136 37.59 8.58 -7.31
C GLY B 136 38.15 8.62 -5.91
N LEU B 137 38.27 7.46 -5.27
CA LEU B 137 38.82 7.34 -3.91
C LEU B 137 38.01 8.19 -2.93
N ILE B 138 36.74 7.82 -2.77
CA ILE B 138 35.84 8.57 -1.90
C ILE B 138 36.22 8.32 -0.45
N GLN B 139 36.42 9.41 0.30
CA GLN B 139 36.64 9.30 1.73
C GLN B 139 35.43 8.66 2.39
N PRO B 140 35.62 7.67 3.27
CA PRO B 140 34.46 6.94 3.82
C PRO B 140 33.50 7.88 4.54
N GLY B 141 32.24 7.80 4.13
CA GLY B 141 31.23 8.66 4.73
C GLY B 141 31.26 10.03 4.10
N GLY B 142 31.38 11.06 4.93
CA GLY B 142 31.41 12.41 4.43
C GLY B 142 30.10 12.79 3.77
N SER B 143 30.19 13.66 2.77
CA SER B 143 29.02 14.10 2.02
C SER B 143 29.48 14.49 0.62
N LEU B 144 29.31 13.59 -0.34
CA LEU B 144 29.71 13.83 -1.72
C LEU B 144 28.49 14.10 -2.57
N ARG B 145 28.60 15.09 -3.45
CA ARG B 145 27.50 15.52 -4.32
C ARG B 145 27.79 15.07 -5.74
N LEU B 146 26.82 14.40 -6.36
CA LEU B 146 26.95 13.89 -7.72
C LEU B 146 25.86 14.51 -8.59
N SER B 147 26.27 15.24 -9.61
CA SER B 147 25.35 15.94 -10.50
C SER B 147 25.35 15.30 -11.88
N CYS B 148 24.24 15.48 -12.59
CA CYS B 148 24.03 14.94 -13.93
C CYS B 148 23.46 16.00 -14.86
N ALA B 149 24.13 17.16 -14.90
CA ALA B 149 23.73 18.30 -15.72
C ALA B 149 23.30 17.87 -17.12
N ALA B 150 22.08 18.20 -17.50
CA ALA B 150 21.49 17.82 -18.77
C ALA B 150 21.20 19.09 -19.56
N SER B 151 21.92 19.27 -20.68
CA SER B 151 21.74 20.44 -21.53
C SER B 151 20.53 20.32 -22.45
N GLY B 152 19.77 19.23 -22.36
CA GLY B 152 18.60 19.04 -23.19
C GLY B 152 17.32 19.43 -22.47
N PHE B 153 16.55 18.42 -22.06
CA PHE B 153 15.30 18.68 -21.36
C PHE B 153 15.57 19.33 -20.00
N THR B 154 14.55 20.00 -19.47
CA THR B 154 14.71 20.70 -18.20
C THR B 154 14.88 19.72 -17.06
N VAL B 155 15.89 19.94 -16.23
CA VAL B 155 16.20 19.05 -15.12
C VAL B 155 15.34 19.41 -13.92
N SER B 156 14.41 20.35 -14.11
CA SER B 156 13.51 20.77 -13.05
C SER B 156 12.04 20.51 -13.36
N SER B 157 11.73 19.90 -14.50
CA SER B 157 10.35 19.61 -14.87
C SER B 157 10.06 18.11 -14.95
N ASN B 158 10.95 17.33 -15.56
CA ASN B 158 10.74 15.91 -15.69
C ASN B 158 11.13 15.18 -14.39
N TYR B 159 10.66 13.94 -14.27
CA TYR B 159 10.94 13.12 -13.11
C TYR B 159 12.33 12.51 -13.24
N MET B 160 13.20 12.77 -12.28
CA MET B 160 14.53 12.21 -12.25
C MET B 160 14.60 11.05 -11.26
N SER B 161 15.60 10.18 -11.44
CA SER B 161 15.77 9.04 -10.57
C SER B 161 17.26 8.72 -10.43
N TRP B 162 17.58 7.93 -9.40
CA TRP B 162 18.95 7.50 -9.13
C TRP B 162 18.93 6.02 -8.79
N VAL B 163 19.72 5.24 -9.54
CA VAL B 163 19.80 3.79 -9.36
C VAL B 163 21.26 3.39 -9.27
N ARG B 164 21.60 2.59 -8.26
CA ARG B 164 22.98 2.17 -8.06
C ARG B 164 23.09 0.65 -8.21
N GLN B 165 24.27 0.21 -8.63
CA GLN B 165 24.57 -1.22 -8.75
C GLN B 165 25.98 -1.48 -8.27
N ALA B 166 26.15 -2.55 -7.51
CA ALA B 166 27.43 -2.93 -6.93
C ALA B 166 28.04 -4.09 -7.70
N PRO B 167 29.37 -4.26 -7.62
CA PRO B 167 30.00 -5.43 -8.24
C PRO B 167 29.35 -6.75 -7.84
N GLY B 168 28.80 -7.44 -8.81
CA GLY B 168 28.12 -8.70 -8.56
C GLY B 168 26.62 -8.60 -8.33
N LYS B 169 26.20 -7.65 -7.49
CA LYS B 169 24.78 -7.47 -7.22
C LYS B 169 24.11 -6.70 -8.35
N GLY B 170 22.80 -6.92 -8.48
CA GLY B 170 22.03 -6.31 -9.54
C GLY B 170 21.58 -4.89 -9.21
N LEU B 171 20.88 -4.29 -10.16
CA LEU B 171 20.39 -2.94 -10.00
C LEU B 171 19.26 -2.89 -8.97
N GLU B 172 19.05 -1.71 -8.40
CA GLU B 172 17.99 -1.50 -7.42
C GLU B 172 17.71 -0.02 -7.31
N TRP B 173 16.43 0.31 -7.09
CA TRP B 173 16.00 1.70 -7.02
C TRP B 173 16.53 2.35 -5.74
N VAL B 174 17.18 3.50 -5.89
CA VAL B 174 17.84 4.13 -4.75
C VAL B 174 17.20 5.48 -4.43
N SER B 175 16.72 6.18 -5.44
CA SER B 175 16.19 7.53 -5.21
C SER B 175 15.21 7.90 -6.30
N VAL B 176 14.12 8.54 -5.90
CA VAL B 176 13.09 9.04 -6.82
C VAL B 176 12.68 10.43 -6.38
N ILE B 177 12.62 11.36 -7.33
CA ILE B 177 12.19 12.73 -7.05
C ILE B 177 11.14 13.12 -8.08
N TYR B 178 9.99 13.59 -7.60
CA TYR B 178 8.91 14.00 -8.48
C TYR B 178 9.15 15.41 -9.01
N SER B 179 8.11 16.03 -9.57
CA SER B 179 8.26 17.32 -10.24
C SER B 179 8.74 18.41 -9.28
N GLY B 180 7.91 18.77 -8.30
CA GLY B 180 8.26 19.87 -7.43
C GLY B 180 8.15 19.64 -5.94
N GLY B 181 7.39 18.63 -5.53
CA GLY B 181 7.06 18.50 -4.11
C GLY B 181 7.17 17.12 -3.51
N SER B 182 8.11 16.31 -3.98
CA SER B 182 8.30 14.98 -3.42
C SER B 182 9.79 14.64 -3.43
N THR B 183 10.25 14.04 -2.32
CA THR B 183 11.64 13.64 -2.14
C THR B 183 11.70 12.24 -1.56
N TYR B 184 10.96 11.32 -2.16
CA TYR B 184 10.89 9.96 -1.66
C TYR B 184 12.25 9.27 -1.74
N TYR B 185 12.68 8.69 -0.62
CA TYR B 185 13.93 7.95 -0.53
C TYR B 185 13.63 6.46 -0.49
N ALA B 186 14.69 5.67 -0.74
CA ALA B 186 14.55 4.23 -0.73
C ALA B 186 14.63 3.68 0.69
N ASP B 187 14.40 2.37 0.81
CA ASP B 187 14.44 1.72 2.12
C ASP B 187 15.85 1.36 2.55
N SER B 188 16.80 1.26 1.62
CA SER B 188 18.16 0.94 2.00
C SER B 188 18.81 2.07 2.78
N VAL B 189 18.64 3.30 2.32
CA VAL B 189 19.19 4.45 3.05
C VAL B 189 18.31 4.78 4.26
N LYS B 190 16.99 4.65 4.12
CA LYS B 190 16.01 4.84 5.18
C LYS B 190 16.04 6.25 5.77
N GLY B 191 16.72 7.19 5.13
CA GLY B 191 16.72 8.55 5.61
C GLY B 191 18.08 9.21 5.64
N ARG B 192 19.15 8.41 5.70
CA ARG B 192 20.50 8.95 5.74
C ARG B 192 20.93 9.57 4.42
N PHE B 193 20.10 9.49 3.38
CA PHE B 193 20.37 10.11 2.09
C PHE B 193 19.40 11.27 1.90
N THR B 194 19.93 12.45 1.60
CA THR B 194 19.13 13.66 1.47
C THR B 194 19.22 14.13 0.02
N ILE B 195 18.17 13.86 -0.75
CA ILE B 195 18.08 14.32 -2.13
C ILE B 195 17.77 15.81 -2.13
N SER B 196 18.47 16.56 -2.98
CA SER B 196 18.25 18.00 -3.10
C SER B 196 18.45 18.40 -4.55
N ARG B 197 17.41 18.96 -5.17
CA ARG B 197 17.53 19.43 -6.54
C ARG B 197 18.46 20.64 -6.59
N ASP B 198 19.32 20.65 -7.60
CA ASP B 198 20.29 21.73 -7.77
C ASP B 198 19.57 22.93 -8.41
N ASN B 199 20.35 23.89 -8.92
CA ASN B 199 19.81 25.09 -9.52
C ASN B 199 18.70 24.75 -10.52
N SER B 200 17.63 25.56 -10.48
CA SER B 200 16.43 25.26 -11.25
C SER B 200 16.66 25.26 -12.76
N GLU B 201 17.79 25.81 -13.24
CA GLU B 201 18.05 25.85 -14.67
C GLU B 201 19.42 25.27 -15.03
N ASN B 202 20.09 24.61 -14.10
CA ASN B 202 21.43 24.06 -14.36
C ASN B 202 21.44 22.54 -14.33
N THR B 203 21.05 21.92 -13.22
CA THR B 203 21.26 20.48 -13.03
C THR B 203 20.48 20.03 -11.81
N LEU B 204 20.69 18.77 -11.43
CA LEU B 204 20.11 18.18 -10.23
C LEU B 204 21.12 17.21 -9.65
N TYR B 205 21.62 17.50 -8.44
CA TYR B 205 22.66 16.71 -7.82
C TYR B 205 22.13 15.94 -6.62
N LEU B 206 22.98 15.09 -6.06
CA LEU B 206 22.63 14.22 -4.95
C LEU B 206 23.53 14.56 -3.75
N GLN B 207 23.42 13.76 -2.69
CA GLN B 207 24.17 13.98 -1.47
C GLN B 207 24.38 12.66 -0.75
N MET B 208 25.61 12.41 -0.31
CA MET B 208 25.94 11.14 0.33
C MET B 208 25.50 11.12 1.79
N ASN B 209 25.98 12.08 2.58
CA ASN B 209 25.61 12.24 4.00
C ASN B 209 25.97 10.99 4.82
N SER B 210 27.28 10.76 4.91
CA SER B 210 27.84 9.79 5.85
C SER B 210 27.31 8.38 5.58
N LEU B 211 27.72 7.85 4.42
CA LEU B 211 27.35 6.50 4.02
C LEU B 211 27.70 5.47 5.07
N ARG B 212 27.11 4.27 4.98
CA ARG B 212 27.33 3.18 5.92
C ARG B 212 28.08 2.04 5.24
N ALA B 213 29.06 2.37 4.41
CA ALA B 213 29.94 1.45 3.68
C ALA B 213 29.19 0.62 2.62
N GLU B 214 27.89 0.80 2.48
CA GLU B 214 27.12 0.08 1.46
C GLU B 214 26.92 0.90 0.19
N ASP B 215 27.26 2.19 0.21
CA ASP B 215 27.11 3.06 -0.96
C ASP B 215 28.32 3.02 -1.88
N THR B 216 29.16 1.98 -1.77
CA THR B 216 30.29 1.83 -2.68
C THR B 216 29.86 1.50 -4.10
N ALA B 217 28.58 1.16 -4.31
CA ALA B 217 28.09 0.84 -5.62
C ALA B 217 28.15 2.05 -6.55
N VAL B 218 28.21 1.78 -7.85
CA VAL B 218 28.26 2.84 -8.85
C VAL B 218 26.85 3.38 -9.07
N TYR B 219 26.76 4.69 -9.29
CA TYR B 219 25.50 5.40 -9.41
C TYR B 219 25.13 5.61 -10.87
N TYR B 220 23.84 5.83 -11.11
CA TYR B 220 23.32 6.15 -12.43
C TYR B 220 22.15 7.10 -12.24
N CYS B 221 22.25 8.28 -12.85
CA CYS B 221 21.20 9.30 -12.78
C CYS B 221 20.31 9.16 -14.01
N ALA B 222 19.16 8.53 -13.82
CA ALA B 222 18.23 8.26 -14.90
C ALA B 222 17.28 9.44 -15.10
N ARG B 223 17.05 9.79 -16.36
CA ARG B 223 16.22 10.94 -16.73
C ARG B 223 14.74 10.70 -16.52
N GLY B 224 14.32 9.47 -16.18
CA GLY B 224 12.92 9.18 -16.00
C GLY B 224 12.72 8.09 -14.97
N GLU B 225 11.46 7.94 -14.56
CA GLU B 225 11.09 6.89 -13.63
C GLU B 225 11.29 5.51 -14.27
N ILE B 226 11.43 4.50 -13.42
CA ILE B 226 11.63 3.15 -13.89
C ILE B 226 10.40 2.26 -13.71
N GLN B 227 9.82 2.20 -12.51
CA GLN B 227 8.73 1.26 -12.29
C GLN B 227 7.41 1.79 -12.87
N PRO B 228 6.97 3.02 -12.52
CA PRO B 228 5.82 3.58 -13.25
C PRO B 228 6.29 4.28 -14.51
N TYR B 229 6.64 3.48 -15.52
CA TYR B 229 7.42 3.99 -16.63
C TYR B 229 6.58 4.83 -17.58
N TYR B 230 7.24 5.82 -18.18
CA TYR B 230 6.67 6.65 -19.24
C TYR B 230 7.70 6.72 -20.36
N TYR B 231 7.21 6.72 -21.60
CA TYR B 231 8.12 6.62 -22.74
C TYR B 231 9.10 7.79 -22.78
N TYR B 232 8.63 9.00 -22.49
CA TYR B 232 9.46 10.20 -22.43
C TYR B 232 10.20 10.47 -23.73
N GLY B 233 9.72 9.94 -24.84
CA GLY B 233 10.41 10.13 -26.13
C GLY B 233 11.65 9.29 -26.32
N MET B 234 12.59 9.35 -25.39
CA MET B 234 13.81 8.57 -25.47
C MET B 234 14.34 8.31 -24.07
N ASP B 235 14.93 7.14 -23.88
CA ASP B 235 15.50 6.74 -22.59
C ASP B 235 17.00 6.90 -22.66
N VAL B 236 17.52 7.89 -21.94
CA VAL B 236 18.95 8.20 -21.92
C VAL B 236 19.43 8.08 -20.47
N TRP B 237 20.58 7.44 -20.30
CA TRP B 237 21.24 7.30 -19.01
C TRP B 237 22.59 8.00 -19.04
N GLY B 238 23.32 7.89 -17.95
CA GLY B 238 24.64 8.50 -17.85
C GLY B 238 25.64 7.54 -17.26
N GLN B 239 26.86 7.56 -17.81
CA GLN B 239 27.91 6.68 -17.33
C GLN B 239 28.26 7.02 -15.87
N GLY B 240 28.29 5.99 -15.03
CA GLY B 240 28.46 6.16 -13.60
C GLY B 240 29.93 6.20 -13.18
N THR B 241 30.11 6.38 -11.88
CA THR B 241 31.44 6.47 -11.28
C THR B 241 31.56 5.46 -10.15
N THR B 242 32.77 4.94 -9.96
CA THR B 242 33.04 4.00 -8.88
C THR B 242 33.34 4.78 -7.60
N VAL B 243 32.53 4.53 -6.56
CA VAL B 243 32.72 5.25 -5.31
C VAL B 243 34.04 4.88 -4.64
N THR B 244 34.28 3.59 -4.46
CA THR B 244 35.52 3.06 -3.87
C THR B 244 35.75 3.65 -2.48
N VAL B 245 34.83 3.29 -1.57
CA VAL B 245 34.92 3.73 -0.19
C VAL B 245 36.25 3.26 0.42
N SER B 246 36.71 3.99 1.43
CA SER B 246 37.98 3.67 2.08
C SER B 246 37.79 3.51 3.58
N SER B 247 36.75 2.79 3.99
CA SER B 247 36.47 2.55 5.40
C SER B 247 37.43 1.51 5.97
N VAL C 3 -6.27 0.18 25.77
CA VAL C 3 -6.87 -0.50 26.92
C VAL C 3 -8.38 -0.61 26.73
N LEU C 4 -8.92 -1.80 26.98
CA LEU C 4 -10.35 -2.07 26.84
C LEU C 4 -10.85 -2.74 28.11
N THR C 5 -11.95 -2.22 28.65
CA THR C 5 -12.57 -2.81 29.84
C THR C 5 -13.65 -3.79 29.42
N GLN C 6 -13.62 -4.99 30.00
CA GLN C 6 -14.57 -6.03 29.66
C GLN C 6 -14.86 -6.87 30.89
N PRO C 7 -16.12 -7.24 31.13
CA PRO C 7 -16.44 -8.16 32.23
C PRO C 7 -15.57 -9.39 32.19
N PRO C 8 -14.83 -9.67 33.27
CA PRO C 8 -13.92 -10.83 33.25
C PRO C 8 -14.64 -12.16 33.15
N SER C 9 -15.67 -12.36 33.99
CA SER C 9 -16.42 -13.61 33.98
C SER C 9 -17.86 -13.29 34.39
N ALA C 10 -18.74 -13.16 33.40
CA ALA C 10 -20.15 -12.89 33.65
C ALA C 10 -20.89 -14.20 33.88
N SER C 11 -22.22 -14.15 33.87
CA SER C 11 -23.05 -15.33 34.09
C SER C 11 -24.24 -15.25 33.14
N GLY C 12 -25.16 -16.20 33.28
CA GLY C 12 -26.33 -16.24 32.44
C GLY C 12 -27.16 -17.47 32.73
N THR C 13 -28.41 -17.40 32.31
CA THR C 13 -29.37 -18.49 32.46
C THR C 13 -29.86 -18.96 31.10
N PRO C 14 -30.20 -20.24 30.95
CA PRO C 14 -30.62 -20.75 29.64
C PRO C 14 -31.95 -20.18 29.20
N GLY C 15 -32.14 -20.11 27.91
CA GLY C 15 -33.38 -19.61 27.32
C GLY C 15 -33.43 -18.13 27.02
N GLN C 16 -33.07 -17.30 28.01
CA GLN C 16 -33.13 -15.87 27.86
C GLN C 16 -31.82 -15.37 27.23
N ARG C 17 -31.62 -14.05 27.23
CA ARG C 17 -30.48 -13.42 26.59
C ARG C 17 -29.67 -12.65 27.61
N VAL C 18 -28.38 -12.46 27.29
CA VAL C 18 -27.48 -11.64 28.09
C VAL C 18 -26.98 -10.50 27.23
N THR C 19 -26.14 -9.63 27.81
CA THR C 19 -25.61 -8.47 27.10
C THR C 19 -24.18 -8.23 27.57
N ILE C 20 -23.22 -8.73 26.80
CA ILE C 20 -21.80 -8.49 27.10
C ILE C 20 -21.40 -7.14 26.53
N SER C 21 -20.75 -6.32 27.35
CA SER C 21 -20.37 -4.97 26.96
C SER C 21 -18.85 -4.83 26.97
N CYS C 22 -18.39 -3.77 26.29
CA CYS C 22 -16.97 -3.46 26.21
C CYS C 22 -16.81 -1.94 26.22
N SER C 23 -15.96 -1.45 27.12
CA SER C 23 -15.74 -0.02 27.29
C SER C 23 -14.37 0.35 26.73
N GLY C 24 -14.34 1.42 25.93
CA GLY C 24 -13.09 1.90 25.37
C GLY C 24 -13.15 3.40 25.20
N SER C 25 -11.98 4.03 25.25
CA SER C 25 -11.91 5.47 25.10
C SER C 25 -12.17 5.87 23.65
N SER C 26 -12.32 7.18 23.44
CA SER C 26 -12.52 7.72 22.10
C SER C 26 -11.28 7.60 21.23
N SER C 27 -10.17 7.10 21.76
CA SER C 27 -8.95 6.95 20.98
C SER C 27 -8.96 5.67 20.16
N ASN C 28 -9.69 4.64 20.60
CA ASN C 28 -9.72 3.36 19.92
C ASN C 28 -11.09 3.02 19.35
N ILE C 29 -12.13 3.04 20.17
CA ILE C 29 -13.47 2.69 19.71
C ILE C 29 -14.19 3.89 19.10
N GLY C 30 -13.99 5.08 19.66
CA GLY C 30 -14.70 6.24 19.18
C GLY C 30 -14.33 6.64 17.76
N SER C 31 -13.15 6.24 17.30
CA SER C 31 -12.69 6.60 15.96
C SER C 31 -12.56 5.40 15.03
N ASN C 32 -12.93 4.20 15.48
CA ASN C 32 -12.81 3.00 14.67
C ASN C 32 -14.04 2.13 14.92
N THR C 33 -13.97 0.87 14.48
CA THR C 33 -15.06 -0.07 14.63
C THR C 33 -14.62 -1.23 15.51
N VAL C 34 -15.54 -1.70 16.36
CA VAL C 34 -15.23 -2.79 17.27
C VAL C 34 -15.43 -4.13 16.56
N ASN C 35 -14.82 -5.17 17.11
CA ASN C 35 -14.93 -6.52 16.57
C ASN C 35 -15.05 -7.51 17.73
N TRP C 36 -16.01 -8.41 17.63
CA TRP C 36 -16.25 -9.44 18.65
C TRP C 36 -15.84 -10.79 18.09
N TYR C 37 -14.96 -11.47 18.81
CA TYR C 37 -14.44 -12.78 18.42
C TYR C 37 -14.88 -13.83 19.43
N GLN C 38 -15.18 -15.03 18.93
CA GLN C 38 -15.61 -16.14 19.75
C GLN C 38 -14.56 -17.25 19.75
N GLN C 39 -14.27 -17.79 20.93
CA GLN C 39 -13.30 -18.87 21.07
C GLN C 39 -13.86 -19.92 22.02
N LEU C 40 -14.08 -21.12 21.52
CA LEU C 40 -14.47 -22.24 22.36
C LEU C 40 -13.25 -22.79 23.11
N PRO C 41 -13.45 -23.36 24.29
CA PRO C 41 -12.31 -23.95 25.02
C PRO C 41 -11.77 -25.18 24.31
N GLY C 42 -10.56 -25.06 23.77
CA GLY C 42 -9.93 -26.17 23.10
C GLY C 42 -9.66 -25.92 21.61
N THR C 43 -10.59 -25.23 20.96
CA THR C 43 -10.48 -24.94 19.54
C THR C 43 -9.95 -23.53 19.31
N ALA C 44 -9.53 -23.28 18.07
CA ALA C 44 -9.02 -21.97 17.71
C ALA C 44 -10.15 -20.95 17.67
N PRO C 45 -9.85 -19.67 17.93
CA PRO C 45 -10.90 -18.64 17.88
C PRO C 45 -11.46 -18.48 16.48
N LYS C 46 -12.64 -17.85 16.42
CA LYS C 46 -13.29 -17.58 15.15
C LYS C 46 -14.04 -16.26 15.24
N LEU C 47 -14.13 -15.57 14.11
CA LEU C 47 -14.80 -14.27 14.08
C LEU C 47 -16.29 -14.43 14.34
N LEU C 48 -16.83 -13.54 15.17
CA LEU C 48 -18.26 -13.56 15.50
C LEU C 48 -19.00 -12.38 14.90
N ILE C 49 -18.56 -11.16 15.14
CA ILE C 49 -19.22 -9.96 14.62
C ILE C 49 -18.16 -8.94 14.24
N TYR C 50 -18.28 -8.39 13.03
CA TYR C 50 -17.39 -7.35 12.53
C TYR C 50 -18.21 -6.15 12.08
N SER C 51 -17.55 -4.99 12.02
CA SER C 51 -18.12 -3.72 11.56
C SER C 51 -19.28 -3.25 12.43
N ASN C 52 -19.50 -3.89 13.58
CA ASN C 52 -20.46 -3.51 14.62
C ASN C 52 -21.91 -3.78 14.24
N ASN C 53 -22.19 -4.20 13.01
CA ASN C 53 -23.57 -4.49 12.62
C ASN C 53 -23.64 -5.67 11.67
N GLN C 54 -22.49 -6.21 11.29
CA GLN C 54 -22.43 -7.27 10.29
C GLN C 54 -21.92 -8.56 10.93
N ARG C 55 -22.22 -9.68 10.26
CA ARG C 55 -21.80 -11.00 10.70
C ARG C 55 -21.32 -11.78 9.50
N PRO C 56 -20.33 -12.67 9.70
CA PRO C 56 -19.86 -13.51 8.58
C PRO C 56 -20.92 -14.51 8.14
N SER C 57 -20.60 -15.28 7.10
CA SER C 57 -21.57 -16.26 6.59
C SER C 57 -21.82 -17.39 7.57
N GLY C 58 -20.82 -17.71 8.41
CA GLY C 58 -20.98 -18.81 9.34
C GLY C 58 -21.74 -18.44 10.60
N VAL C 59 -21.69 -17.17 11.00
CA VAL C 59 -22.36 -16.71 12.22
C VAL C 59 -23.85 -16.57 11.96
N PRO C 60 -24.70 -17.24 12.72
CA PRO C 60 -26.15 -17.11 12.52
C PRO C 60 -26.67 -15.81 13.11
N ASP C 61 -27.99 -15.65 13.08
CA ASP C 61 -28.66 -14.47 13.60
C ASP C 61 -28.79 -14.49 15.12
N ARG C 62 -28.18 -15.45 15.80
CA ARG C 62 -28.24 -15.53 17.26
C ARG C 62 -27.33 -14.54 17.95
N PHE C 63 -26.62 -13.69 17.20
CA PHE C 63 -25.71 -12.71 17.76
C PHE C 63 -26.00 -11.35 17.12
N SER C 64 -25.90 -10.30 17.94
CA SER C 64 -26.10 -8.94 17.46
C SER C 64 -25.17 -8.00 18.21
N GLY C 65 -24.84 -6.88 17.58
CA GLY C 65 -23.93 -5.93 18.17
C GLY C 65 -24.38 -4.51 17.91
N SER C 66 -23.93 -3.61 18.79
CA SER C 66 -24.23 -2.20 18.69
C SER C 66 -23.03 -1.40 19.15
N LYS C 67 -22.89 -0.20 18.58
CA LYS C 67 -21.78 0.70 18.85
C LYS C 67 -22.30 2.06 19.29
N SER C 68 -23.24 2.04 20.22
CA SER C 68 -23.83 3.28 20.75
C SER C 68 -22.78 4.03 21.57
N GLY C 69 -22.32 5.17 21.07
CA GLY C 69 -21.34 5.97 21.77
C GLY C 69 -19.93 5.42 21.66
N THR C 70 -19.17 5.50 22.75
CA THR C 70 -17.79 5.03 22.79
C THR C 70 -17.67 3.62 23.35
N SER C 71 -18.80 2.93 23.59
CA SER C 71 -18.79 1.58 24.12
C SER C 71 -19.55 0.66 23.18
N ALA C 72 -19.15 -0.61 23.16
CA ALA C 72 -19.78 -1.62 22.33
C ALA C 72 -20.62 -2.55 23.18
N SER C 73 -21.70 -3.05 22.60
CA SER C 73 -22.64 -3.91 23.31
C SER C 73 -23.00 -5.11 22.45
N LEU C 74 -22.77 -6.31 22.98
CA LEU C 74 -23.14 -7.55 22.32
C LEU C 74 -24.44 -8.08 22.91
N ALA C 75 -25.11 -8.94 22.13
CA ALA C 75 -26.36 -9.54 22.57
C ALA C 75 -26.52 -10.90 21.92
N ILE C 76 -26.92 -11.88 22.71
CA ILE C 76 -27.14 -13.25 22.23
C ILE C 76 -28.58 -13.60 22.57
N SER C 77 -29.49 -13.37 21.63
CA SER C 77 -30.91 -13.61 21.85
C SER C 77 -31.16 -15.11 21.94
N GLY C 78 -31.49 -15.59 23.14
CA GLY C 78 -31.78 -17.00 23.34
C GLY C 78 -30.54 -17.87 23.37
N LEU C 79 -29.66 -17.62 24.32
CA LEU C 79 -28.44 -18.40 24.45
C LEU C 79 -28.75 -19.85 24.79
N GLN C 80 -27.77 -20.72 24.56
CA GLN C 80 -27.92 -22.15 24.82
C GLN C 80 -26.58 -22.66 25.33
N SER C 81 -26.46 -23.99 25.42
CA SER C 81 -25.23 -24.60 25.89
C SER C 81 -24.08 -24.43 24.90
N GLU C 82 -24.38 -24.26 23.61
CA GLU C 82 -23.33 -24.10 22.61
C GLU C 82 -22.66 -22.73 22.68
N ASP C 83 -23.33 -21.73 23.28
CA ASP C 83 -22.80 -20.39 23.37
C ASP C 83 -21.91 -20.18 24.60
N GLU C 84 -21.50 -21.26 25.27
CA GLU C 84 -20.64 -21.18 26.44
C GLU C 84 -19.19 -21.16 25.95
N ALA C 85 -18.67 -19.96 25.70
CA ALA C 85 -17.33 -19.80 25.18
C ALA C 85 -16.82 -18.42 25.57
N ASP C 86 -15.58 -18.14 25.21
CA ASP C 86 -14.95 -16.86 25.49
C ASP C 86 -15.25 -15.87 24.36
N TYR C 87 -15.61 -14.64 24.75
CA TYR C 87 -15.89 -13.57 23.81
C TYR C 87 -14.91 -12.44 24.04
N TYR C 88 -14.18 -12.07 22.98
CA TYR C 88 -13.12 -11.06 23.07
C TYR C 88 -13.47 -9.85 22.22
N CYS C 89 -13.19 -8.67 22.76
CA CYS C 89 -13.32 -7.42 22.03
C CYS C 89 -11.96 -7.00 21.49
N ALA C 90 -11.99 -6.26 20.39
CA ALA C 90 -10.75 -5.83 19.75
C ALA C 90 -11.02 -4.58 18.93
N ALA C 91 -10.08 -3.64 18.95
CA ALA C 91 -10.23 -2.40 18.21
C ALA C 91 -8.85 -1.83 17.92
N TRP C 92 -8.75 -1.13 16.79
CA TRP C 92 -7.50 -0.52 16.37
C TRP C 92 -7.42 0.90 16.94
N ASP C 93 -6.51 1.11 17.88
CA ASP C 93 -6.34 2.43 18.47
C ASP C 93 -5.60 3.35 17.51
N ASP C 94 -5.83 4.66 17.65
CA ASP C 94 -5.20 5.63 16.78
C ASP C 94 -3.70 5.78 17.03
N SER C 95 -3.14 5.10 18.03
CA SER C 95 -1.72 5.14 18.31
C SER C 95 -0.96 4.00 17.65
N LEU C 96 -1.44 3.51 16.51
CA LEU C 96 -0.80 2.44 15.76
C LEU C 96 -0.65 1.18 16.60
N ASN C 97 -1.78 0.65 17.04
CA ASN C 97 -1.82 -0.58 17.83
C ASN C 97 -3.21 -1.19 17.73
N TRP C 98 -3.28 -2.48 18.05
CA TRP C 98 -4.52 -3.25 18.00
C TRP C 98 -4.78 -3.78 19.40
N VAL C 99 -5.65 -3.11 20.15
CA VAL C 99 -5.89 -3.45 21.55
C VAL C 99 -7.05 -4.44 21.61
N PHE C 100 -6.82 -5.56 22.29
CA PHE C 100 -7.81 -6.61 22.48
C PHE C 100 -8.47 -6.46 23.84
N GLY C 101 -9.54 -7.23 24.03
CA GLY C 101 -10.27 -7.23 25.29
C GLY C 101 -9.64 -8.17 26.29
N GLY C 102 -10.43 -8.55 27.29
CA GLY C 102 -9.97 -9.46 28.32
C GLY C 102 -10.60 -10.83 28.23
N GLY C 103 -11.86 -10.88 27.80
CA GLY C 103 -12.56 -12.15 27.69
C GLY C 103 -13.74 -12.22 28.64
N THR C 104 -14.84 -12.84 28.18
CA THR C 104 -16.07 -12.95 28.96
C THR C 104 -16.46 -14.41 29.03
N LYS C 105 -16.29 -15.03 30.20
CA LYS C 105 -16.71 -16.41 30.43
C LYS C 105 -18.22 -16.43 30.64
N LEU C 106 -18.94 -16.31 29.52
CA LEU C 106 -20.40 -16.35 29.54
C LEU C 106 -20.84 -17.81 29.70
N THR C 107 -20.59 -18.35 30.89
CA THR C 107 -20.89 -19.74 31.17
C THR C 107 -22.32 -19.91 31.63
N VAL C 108 -22.96 -20.96 31.14
CA VAL C 108 -24.32 -21.31 31.56
C VAL C 108 -24.40 -22.81 31.74
N LEU C 109 -24.40 -23.26 33.01
CA LEU C 109 -24.48 -24.68 33.33
C LEU C 109 -25.93 -25.08 33.58
N GLY C 110 -26.76 -24.86 32.57
CA GLY C 110 -28.18 -25.15 32.67
C GLY C 110 -28.91 -24.14 33.52
N GLU C 125 -13.26 -23.08 2.32
CA GLU C 125 -12.48 -23.87 3.27
C GLU C 125 -11.01 -23.82 2.90
N VAL C 126 -10.26 -22.94 3.57
CA VAL C 126 -8.83 -22.77 3.34
C VAL C 126 -8.12 -22.97 4.67
N GLN C 127 -7.21 -23.94 4.72
CA GLN C 127 -6.46 -24.23 5.93
C GLN C 127 -5.31 -23.24 6.08
N LEU C 128 -5.15 -22.72 7.29
CA LEU C 128 -4.10 -21.76 7.63
C LEU C 128 -3.14 -22.35 8.66
N VAL C 129 -2.77 -23.62 8.48
CA VAL C 129 -1.91 -24.29 9.44
C VAL C 129 -0.52 -23.68 9.43
N GLU C 130 0.06 -23.52 10.61
CA GLU C 130 1.39 -22.94 10.78
C GLU C 130 2.21 -23.82 11.71
N SER C 131 3.51 -23.56 11.74
CA SER C 131 4.43 -24.32 12.58
C SER C 131 5.65 -23.46 12.85
N GLY C 132 6.60 -24.02 13.60
CA GLY C 132 7.84 -23.32 13.92
C GLY C 132 7.99 -23.03 15.39
N GLY C 133 7.36 -23.82 16.24
CA GLY C 133 7.45 -23.63 17.67
C GLY C 133 8.57 -24.41 18.32
N GLY C 134 8.29 -25.05 19.45
CA GLY C 134 9.30 -25.84 20.13
C GLY C 134 10.05 -25.04 21.18
N VAL C 135 10.47 -25.76 22.22
CA VAL C 135 11.24 -25.13 23.30
C VAL C 135 12.63 -24.79 22.80
N VAL C 136 13.07 -23.56 23.04
CA VAL C 136 14.36 -23.07 22.57
C VAL C 136 15.11 -22.43 23.74
N GLN C 137 16.37 -22.10 23.48
CA GLN C 137 17.18 -21.42 24.48
C GLN C 137 16.68 -20.00 24.69
N PRO C 138 16.63 -19.53 25.94
CA PRO C 138 16.18 -18.15 26.18
C PRO C 138 17.12 -17.13 25.57
N GLY C 139 16.67 -15.88 25.55
CA GLY C 139 17.41 -14.82 24.92
C GLY C 139 17.21 -14.81 23.42
N GLY C 140 17.63 -15.89 22.75
CA GLY C 140 17.37 -16.07 21.34
C GLY C 140 16.10 -16.86 21.09
N SER C 141 15.82 -17.09 19.81
CA SER C 141 14.64 -17.84 19.41
C SER C 141 14.81 -18.29 17.96
N LEU C 142 13.76 -18.83 17.38
CA LEU C 142 13.75 -19.28 16.00
C LEU C 142 12.70 -18.49 15.22
N ARG C 143 12.48 -18.90 13.97
CA ARG C 143 11.50 -18.25 13.10
C ARG C 143 10.14 -18.92 13.24
N LEU C 144 9.10 -18.14 12.98
CA LEU C 144 7.72 -18.63 13.02
C LEU C 144 7.18 -18.69 11.60
N SER C 145 6.83 -19.89 11.15
CA SER C 145 6.34 -20.11 9.80
C SER C 145 4.82 -20.11 9.77
N CYS C 146 4.27 -20.06 8.56
CA CYS C 146 2.83 -20.09 8.34
C CYS C 146 2.58 -20.44 6.89
N ALA C 147 1.39 -20.97 6.61
CA ALA C 147 1.07 -21.43 5.26
C ALA C 147 -0.43 -21.34 5.05
N ALA C 148 -0.84 -21.56 3.80
CA ALA C 148 -2.23 -21.53 3.41
C ALA C 148 -2.41 -22.43 2.19
N SER C 149 -3.58 -22.36 1.55
CA SER C 149 -3.85 -23.18 0.37
C SER C 149 -4.88 -22.45 -0.49
N GLY C 150 -4.39 -21.76 -1.53
CA GLY C 150 -5.25 -21.18 -2.55
C GLY C 150 -6.34 -20.26 -2.05
N PHE C 151 -5.97 -19.09 -1.52
CA PHE C 151 -6.96 -18.13 -1.05
C PHE C 151 -6.64 -16.70 -1.46
N ARG C 152 -5.86 -16.51 -2.53
CA ARG C 152 -5.48 -15.19 -3.02
C ARG C 152 -4.75 -14.39 -1.93
N PHE C 153 -3.58 -14.92 -1.57
CA PHE C 153 -2.80 -14.35 -0.46
C PHE C 153 -2.48 -12.88 -0.67
N ASP C 154 -2.37 -12.42 -1.91
CA ASP C 154 -2.02 -11.04 -2.16
C ASP C 154 -3.15 -10.09 -1.81
N ASP C 155 -4.40 -10.57 -1.84
CA ASP C 155 -5.57 -9.72 -1.62
C ASP C 155 -6.05 -9.75 -0.17
N HIS C 156 -5.19 -10.17 0.76
CA HIS C 156 -5.59 -10.22 2.17
C HIS C 156 -4.37 -9.92 3.03
N ALA C 157 -4.65 -9.51 4.26
CA ALA C 157 -3.62 -9.21 5.25
C ALA C 157 -3.54 -10.33 6.28
N MET C 158 -2.44 -10.34 7.03
CA MET C 158 -2.21 -11.36 8.04
C MET C 158 -1.84 -10.70 9.37
N HIS C 159 -2.25 -11.35 10.45
CA HIS C 159 -1.96 -10.87 11.80
C HIS C 159 -1.31 -11.99 12.61
N TRP C 160 -0.56 -11.59 13.63
CA TRP C 160 -0.01 -12.53 14.61
C TRP C 160 -0.68 -12.25 15.95
N VAL C 161 -1.42 -13.23 16.46
CA VAL C 161 -2.17 -13.09 17.71
C VAL C 161 -1.74 -14.22 18.64
N ARG C 162 -0.82 -13.93 19.56
CA ARG C 162 -0.38 -14.92 20.51
C ARG C 162 -1.32 -14.98 21.71
N GLN C 163 -1.44 -16.17 22.29
CA GLN C 163 -2.35 -16.41 23.41
C GLN C 163 -1.68 -17.39 24.36
N ALA C 164 -1.34 -16.91 25.56
CA ALA C 164 -0.74 -17.77 26.57
C ALA C 164 -1.74 -18.87 26.97
N PRO C 165 -1.24 -20.03 27.43
CA PRO C 165 -2.15 -21.12 27.81
C PRO C 165 -3.13 -20.71 28.90
N GLY C 166 -4.41 -20.68 28.57
CA GLY C 166 -5.45 -20.28 29.50
C GLY C 166 -5.68 -18.79 29.61
N LYS C 167 -4.71 -17.97 29.19
CA LYS C 167 -4.84 -16.52 29.30
C LYS C 167 -5.65 -15.99 28.12
N GLY C 168 -5.72 -14.67 27.99
CA GLY C 168 -6.45 -14.03 26.92
C GLY C 168 -5.61 -13.86 25.67
N LEU C 169 -6.15 -13.07 24.74
CA LEU C 169 -5.49 -12.81 23.47
C LEU C 169 -4.85 -11.44 23.46
N GLU C 170 -3.87 -11.27 22.58
CA GLU C 170 -3.21 -9.98 22.41
C GLU C 170 -2.59 -9.96 21.01
N TRP C 171 -2.52 -8.75 20.45
CA TRP C 171 -2.04 -8.56 19.08
C TRP C 171 -0.53 -8.31 19.09
N VAL C 172 0.17 -8.94 18.15
CA VAL C 172 1.62 -8.84 18.04
C VAL C 172 2.02 -7.94 16.88
N SER C 173 1.64 -8.31 15.65
CA SER C 173 2.01 -7.53 14.48
C SER C 173 1.04 -7.84 13.35
N VAL C 174 1.11 -7.03 12.30
CA VAL C 174 0.22 -7.12 11.15
C VAL C 174 1.01 -6.82 9.88
N ILE C 175 0.83 -7.64 8.85
CA ILE C 175 1.38 -7.40 7.53
C ILE C 175 0.21 -7.22 6.56
N SER C 176 0.26 -6.15 5.77
CA SER C 176 -0.80 -5.85 4.83
C SER C 176 -0.65 -6.68 3.56
N GLY C 177 -1.69 -6.64 2.73
CA GLY C 177 -1.66 -7.37 1.47
C GLY C 177 -0.62 -6.84 0.51
N ASP C 178 -0.29 -5.55 0.61
CA ASP C 178 0.73 -4.99 -0.27
C ASP C 178 2.13 -5.41 0.14
N GLY C 179 2.35 -5.65 1.43
CA GLY C 179 3.67 -6.00 1.91
C GLY C 179 4.55 -4.81 2.24
N GLY C 180 3.98 -3.64 2.46
CA GLY C 180 4.75 -2.45 2.75
C GLY C 180 4.75 -2.07 4.22
N SER C 181 3.91 -1.09 4.57
CA SER C 181 3.85 -0.60 5.94
C SER C 181 3.33 -1.69 6.87
N THR C 182 4.02 -1.87 8.00
CA THR C 182 3.63 -2.83 9.01
C THR C 182 3.75 -2.19 10.39
N TYR C 183 2.97 -2.69 11.33
CA TYR C 183 2.93 -2.15 12.68
C TYR C 183 3.19 -3.27 13.69
N TYR C 184 3.96 -2.94 14.72
CA TYR C 184 4.25 -3.87 15.81
C TYR C 184 3.63 -3.38 17.11
N ALA C 185 3.57 -4.27 18.09
CA ALA C 185 2.98 -3.94 19.38
C ALA C 185 3.97 -3.11 20.21
N ASP C 186 3.54 -2.72 21.40
CA ASP C 186 4.37 -1.90 22.27
C ASP C 186 5.47 -2.71 22.95
N SER C 187 5.34 -4.03 22.99
CA SER C 187 6.33 -4.89 23.63
C SER C 187 7.18 -5.67 22.65
N VAL C 188 6.66 -6.00 21.48
CA VAL C 188 7.41 -6.76 20.48
C VAL C 188 8.03 -5.83 19.43
N LYS C 189 8.09 -4.52 19.71
CA LYS C 189 8.62 -3.58 18.75
C LYS C 189 10.14 -3.69 18.65
N GLY C 190 10.65 -3.56 17.43
CA GLY C 190 12.08 -3.55 17.21
C GLY C 190 12.70 -4.93 17.07
N ARG C 191 12.52 -5.78 18.08
CA ARG C 191 13.13 -7.10 18.12
C ARG C 191 12.32 -8.15 17.37
N PHE C 192 11.30 -7.76 16.64
CA PHE C 192 10.48 -8.67 15.85
C PHE C 192 10.48 -8.22 14.40
N SER C 193 10.51 -9.20 13.48
CA SER C 193 10.55 -8.92 12.05
C SER C 193 9.55 -9.83 11.36
N ILE C 194 8.47 -9.24 10.82
CA ILE C 194 7.43 -9.97 10.12
C ILE C 194 7.56 -9.70 8.63
N SER C 195 7.42 -10.75 7.83
CA SER C 195 7.54 -10.60 6.38
C SER C 195 6.74 -11.71 5.70
N ARG C 196 6.44 -11.49 4.43
CA ARG C 196 5.68 -12.45 3.63
C ARG C 196 6.41 -12.70 2.31
N ASP C 197 6.28 -13.93 1.82
CA ASP C 197 6.85 -14.33 0.54
C ASP C 197 5.84 -15.19 -0.19
N ASP C 198 5.52 -14.80 -1.43
CA ASP C 198 4.49 -15.50 -2.19
C ASP C 198 5.04 -16.72 -2.89
N SER C 199 5.70 -17.61 -2.14
CA SER C 199 6.13 -18.90 -2.68
C SER C 199 4.96 -19.89 -2.63
N LYS C 200 4.45 -20.13 -1.43
CA LYS C 200 3.29 -20.99 -1.22
C LYS C 200 2.37 -20.31 -0.20
N ASN C 201 2.27 -18.98 -0.29
CA ASN C 201 1.48 -18.16 0.61
C ASN C 201 1.94 -18.35 2.05
N SER C 202 3.19 -17.97 2.30
CA SER C 202 3.85 -18.18 3.58
C SER C 202 3.89 -16.88 4.38
N LEU C 203 4.44 -16.98 5.59
CA LEU C 203 4.56 -15.83 6.48
C LEU C 203 5.64 -16.15 7.50
N TYR C 204 6.72 -15.36 7.49
CA TYR C 204 7.87 -15.59 8.35
C TYR C 204 7.95 -14.50 9.41
N LEU C 205 7.99 -14.91 10.68
CA LEU C 205 8.11 -13.99 11.81
C LEU C 205 9.33 -14.39 12.62
N GLN C 206 10.37 -13.55 12.57
CA GLN C 206 11.60 -13.77 13.32
C GLN C 206 11.54 -12.98 14.63
N MET C 207 11.94 -13.62 15.72
CA MET C 207 11.90 -13.03 17.04
C MET C 207 13.33 -12.91 17.59
N ASN C 208 13.61 -11.81 18.27
CA ASN C 208 14.92 -11.58 18.87
C ASN C 208 14.74 -11.04 20.28
N SER C 209 15.80 -11.16 21.07
CA SER C 209 15.83 -10.70 22.46
C SER C 209 14.67 -11.31 23.25
N LEU C 210 14.71 -12.64 23.36
CA LEU C 210 13.64 -13.37 24.04
C LEU C 210 13.72 -13.14 25.54
N ARG C 211 12.57 -12.86 26.16
CA ARG C 211 12.49 -12.62 27.59
C ARG C 211 11.72 -13.70 28.33
N THR C 212 11.49 -14.86 27.67
CA THR C 212 10.85 -16.03 28.25
C THR C 212 9.38 -15.80 28.60
N GLU C 213 8.91 -14.57 28.44
CA GLU C 213 7.49 -14.24 28.60
C GLU C 213 6.78 -14.27 27.25
N ASP C 214 6.95 -15.36 26.51
CA ASP C 214 6.34 -15.49 25.20
C ASP C 214 5.71 -16.86 24.98
N THR C 215 5.49 -17.62 26.05
CA THR C 215 4.87 -18.94 25.94
C THR C 215 3.41 -18.75 25.54
N ALA C 216 3.11 -18.97 24.27
CA ALA C 216 1.77 -18.76 23.74
C ALA C 216 1.57 -19.71 22.57
N LEU C 217 0.55 -19.44 21.76
CA LEU C 217 0.26 -20.23 20.57
C LEU C 217 0.63 -19.53 19.27
N TYR C 218 0.61 -18.19 19.25
CA TYR C 218 1.02 -17.39 18.10
C TYR C 218 0.20 -17.75 16.86
N TYR C 219 -1.10 -17.47 16.96
CA TYR C 219 -2.01 -17.71 15.85
C TYR C 219 -1.64 -16.84 14.65
N CYS C 220 -1.47 -17.50 13.50
CA CYS C 220 -1.26 -16.83 12.23
C CYS C 220 -2.64 -16.57 11.61
N ALA C 221 -3.24 -15.46 12.04
CA ALA C 221 -4.63 -15.19 11.70
C ALA C 221 -4.75 -14.51 10.35
N LYS C 222 -5.79 -14.88 9.60
CA LYS C 222 -6.09 -14.31 8.30
C LYS C 222 -7.14 -13.22 8.46
N ASP C 223 -6.98 -12.14 7.69
CA ASP C 223 -7.90 -11.02 7.69
C ASP C 223 -8.64 -10.95 6.35
N ARG C 224 -9.45 -9.92 6.20
CA ARG C 224 -10.19 -9.69 4.96
C ARG C 224 -9.82 -8.40 4.25
N SER C 225 -9.27 -7.41 4.95
CA SER C 225 -8.85 -6.18 4.32
C SER C 225 -7.55 -6.40 3.54
N TYR C 226 -7.10 -5.35 2.84
CA TYR C 226 -5.89 -5.42 2.04
C TYR C 226 -4.77 -4.58 2.64
N GLY C 227 -5.01 -3.29 2.86
CA GLY C 227 -4.00 -2.43 3.43
C GLY C 227 -3.90 -2.62 4.93
N PRO C 228 -2.99 -1.85 5.53
CA PRO C 228 -2.85 -1.88 6.99
C PRO C 228 -4.10 -1.38 7.66
N PRO C 229 -4.53 -2.02 8.76
CA PRO C 229 -5.79 -1.61 9.41
C PRO C 229 -5.69 -0.27 10.10
N ASP C 230 -5.22 0.76 9.39
CA ASP C 230 -5.18 2.11 9.92
C ASP C 230 -5.84 3.05 8.91
N VAL C 231 -5.76 2.69 7.63
CA VAL C 231 -6.45 3.45 6.61
C VAL C 231 -7.83 2.89 6.33
N PHE C 232 -8.03 1.58 6.52
CA PHE C 232 -9.34 0.94 6.38
C PHE C 232 -9.87 0.69 7.79
N ASN C 233 -10.54 1.69 8.35
CA ASN C 233 -11.01 1.64 9.73
C ASN C 233 -12.49 1.28 9.83
N TYR C 234 -13.04 0.62 8.81
CA TYR C 234 -14.42 0.18 8.84
C TYR C 234 -14.62 -1.26 8.37
N GLU C 235 -13.64 -1.87 7.71
CA GLU C 235 -13.76 -3.23 7.22
C GLU C 235 -12.79 -4.19 7.91
N TYR C 236 -11.82 -3.69 8.66
CA TYR C 236 -10.80 -4.54 9.25
C TYR C 236 -11.42 -5.56 10.19
N GLY C 237 -11.11 -6.83 9.97
CA GLY C 237 -11.60 -7.90 10.81
C GLY C 237 -10.57 -9.01 10.94
N MET C 238 -11.03 -10.26 10.96
CA MET C 238 -10.11 -11.39 11.00
C MET C 238 -10.87 -12.63 10.53
N ASP C 239 -10.44 -13.20 9.42
CA ASP C 239 -11.10 -14.35 8.81
C ASP C 239 -10.70 -15.62 9.55
N VAL C 240 -10.98 -16.78 8.93
CA VAL C 240 -10.72 -18.07 9.54
C VAL C 240 -9.27 -18.14 10.00
N TRP C 241 -9.09 -18.52 11.27
CA TRP C 241 -7.77 -18.59 11.88
C TRP C 241 -7.09 -19.90 11.46
N GLY C 242 -5.99 -20.22 12.13
CA GLY C 242 -5.28 -21.46 11.87
C GLY C 242 -4.75 -22.04 13.16
N GLN C 243 -4.71 -23.37 13.21
CA GLN C 243 -4.22 -24.08 14.39
C GLN C 243 -2.76 -23.76 14.65
N GLY C 244 -2.48 -23.03 15.72
CA GLY C 244 -1.13 -22.61 16.02
C GLY C 244 -0.36 -23.63 16.85
N THR C 245 0.96 -23.52 16.77
CA THR C 245 1.85 -24.42 17.50
C THR C 245 2.09 -23.89 18.90
N THR C 246 2.23 -24.81 19.86
CA THR C 246 2.43 -24.46 21.27
C THR C 246 3.93 -24.24 21.48
N VAL C 247 4.37 -22.99 21.41
CA VAL C 247 5.77 -22.64 21.65
C VAL C 247 5.92 -22.31 23.13
N THR C 248 6.72 -23.12 23.83
CA THR C 248 6.95 -22.96 25.27
C THR C 248 8.45 -22.76 25.47
N VAL C 249 8.88 -21.51 25.53
CA VAL C 249 10.29 -21.22 25.77
C VAL C 249 10.70 -21.69 27.15
N SER C 250 10.06 -21.15 28.18
CA SER C 250 10.29 -21.55 29.58
C SER C 250 11.76 -21.46 29.96
N SER C 251 12.50 -20.57 29.30
CA SER C 251 13.93 -20.38 29.54
C SER C 251 14.71 -21.68 29.37
#